data_7OCY
#
_entry.id   7OCY
#
loop_
_entity.id
_entity.type
_entity.pdbx_description
1 polymer 'ABC transporter ATP-binding protein'
2 polymer 'ABC transporter ATP-binding protein'
3 polymer Nanobody
#
loop_
_entity_poly.entity_id
_entity_poly.type
_entity_poly.pdbx_seq_one_letter_code
_entity_poly.pdbx_strand_id
1 'polypeptide(L)'
;MDLIIQHAKKYKGSVVIALLAVIVMVVSALWQPKLLQQVLEAIMNDDSDKMKNLGIQLIAIAGLGLVAGVINTIFSAKVA
QGVSADIREATFRKIQTFSFGNIEKFSAGNLVVRLTNDVTQIQNVIMIALQTLFRIPFLFIGSFILAMLTLPQLWWVIVA
LVIAVILISMLSFSQMGKHFMIIQNLIDKINGIAKENLLGIRVVKSFVQEKNQLSRFTKVSEELTTHNLIVGSLFAVMIP
AFMLVANLAVVGSIFFVSNLVKDDPTLIGGVASFMNYLMQIMMAIIIGGMMMMMTSRAAVSIKRIKEVMETEPDVTYKKV
PEQELIGSVEFDHVSFRYPGDEEDTLKDISFSIQPGEMIGIVGATGAGKSTLAQLIPRLFDPTEGKIEVGGVDLREVNEH
SLRKTVSFVLQKAILFSGTIAQNLRHGKRDASEADMERASGIAQAKEFIEKLAEGYDAPVEERSNNFSGGQKQRLSITRG
VIGEPKILILDDSTSALDARSERLVREALDKELKETTTIVIAQKISSVVHADRILVLDNGRLVGEGTHEELAATNPVYQE
IYETQKGKEEA
;
A
2 'polypeptide(L)'
;MTDLIKASKFFYHYLKRYKVSFLFIFLAIFAATYLQVKAPQFVGEAIQELAKYAVNVMQGKDDKSAFVSVIWKLLIFYVL
TSAASFIYSILFTQVVGKSTNRMRIGLFNKLEKLTIRFFDSHQDGEILSRFTSDLDNIQNSLNQALLQVLTNIALLVGVL
IMMFRQNVELAWATIASTPIAILIAVFVISKARKYVDLQQDEVGKLNGYMDEKISGQRVIITNGLQEETIDGFLEQNEKV
RAATYKGQVYSGLLFPMMQGMSLVNTAIVIFFGGWLAINGSVDRAAALGLVVMFVQYSQQYYQPLMQISSGYSMIQLAVT
GARRLNEMFDEPDEIRPENGEKLEEINKAVALNHVVFGYNPETPVLKDVSIHVDKGEMVALVGPTGSGKTTIMNLMNRFY
DVNEGAVTFDGVDIREMDLDSLRSHVGIVLQESVLFSGTIRENIAFGKPEATDEEIVQAAKQANIHEFIVNLEQGYDTEI
TEENNLFSTGQKQLVSIARTIITNPELLILDEATSNVDTVTEAKIQKAMDEAIKGRTSFVIAHRLKTILNADRIIVLRDG
EVIEEGNHHELVEQDGFYAELYKNQFVFE
;
B
3 'polypeptide(L)'
;GPSQLQLVESGGGLVQAGDTLRLSCEASRSFNRMGWYRQAPGKQRDMVAHIFSDGRTRYADSVQGRFTISRDNAKNTVYL
QMNNLKPEDTAVYYCNGFFIQDFWGQGTPVTVSA
;
C
#
# COMPACT_ATOMS: atom_id res chain seq x y z
N ASP A 2 -21.27 10.42 -4.38
CA ASP A 2 -21.69 11.40 -5.41
C ASP A 2 -20.50 12.22 -5.90
N LEU A 3 -19.52 12.43 -5.02
CA LEU A 3 -18.36 13.22 -5.39
C LEU A 3 -17.60 12.60 -6.55
N ILE A 4 -17.42 11.27 -6.53
CA ILE A 4 -16.66 10.62 -7.59
C ILE A 4 -17.33 10.85 -8.94
N ILE A 5 -18.65 10.70 -9.00
CA ILE A 5 -19.36 10.94 -10.26
C ILE A 5 -19.37 12.43 -10.58
N GLN A 6 -19.45 13.28 -9.55
CA GLN A 6 -19.37 14.72 -9.79
C GLN A 6 -18.10 15.06 -10.56
N HIS A 7 -16.98 14.46 -10.16
CA HIS A 7 -15.73 14.70 -10.88
C HIS A 7 -15.71 13.98 -12.22
N ALA A 8 -16.21 12.74 -12.26
CA ALA A 8 -16.17 11.92 -13.46
C ALA A 8 -17.09 12.44 -14.56
N LYS A 9 -17.94 13.43 -14.25
CA LYS A 9 -18.69 14.08 -15.31
C LYS A 9 -17.74 14.63 -16.38
N LYS A 10 -16.52 14.97 -15.97
CA LYS A 10 -15.54 15.48 -16.92
C LYS A 10 -15.10 14.42 -17.92
N TYR A 11 -15.11 13.14 -17.54
CA TYR A 11 -14.66 12.06 -18.41
C TYR A 11 -15.80 11.14 -18.83
N LYS A 12 -17.04 11.51 -18.54
CA LYS A 12 -18.18 10.70 -18.96
C LYS A 12 -18.02 10.22 -20.40
N GLY A 13 -17.41 11.05 -21.26
CA GLY A 13 -17.22 10.67 -22.64
C GLY A 13 -16.44 9.38 -22.82
N SER A 14 -15.39 9.17 -22.03
CA SER A 14 -14.67 7.91 -22.05
C SER A 14 -15.33 6.86 -21.18
N VAL A 15 -16.04 7.29 -20.14
CA VAL A 15 -16.71 6.35 -19.25
C VAL A 15 -17.72 5.52 -20.02
N VAL A 16 -18.51 6.18 -20.88
CA VAL A 16 -19.56 5.47 -21.61
C VAL A 16 -18.95 4.39 -22.50
N ILE A 17 -17.89 4.73 -23.22
CA ILE A 17 -17.27 3.74 -24.11
C ILE A 17 -16.67 2.61 -23.30
N ALA A 18 -16.09 2.93 -22.13
CA ALA A 18 -15.54 1.89 -21.29
C ALA A 18 -16.63 0.92 -20.85
N LEU A 19 -17.78 1.46 -20.43
CA LEU A 19 -18.86 0.60 -19.98
C LEU A 19 -19.39 -0.25 -21.13
N LEU A 20 -19.47 0.34 -22.33
CA LEU A 20 -19.89 -0.44 -23.48
C LEU A 20 -18.91 -1.57 -23.76
N ALA A 21 -17.61 -1.30 -23.61
CA ALA A 21 -16.62 -2.35 -23.76
C ALA A 21 -16.87 -3.48 -22.76
N VAL A 22 -17.15 -3.11 -21.51
CA VAL A 22 -17.47 -4.10 -20.49
C VAL A 22 -18.65 -4.95 -20.97
N ILE A 23 -19.68 -4.28 -21.48
CA ILE A 23 -20.90 -4.98 -21.87
C ILE A 23 -20.60 -5.98 -22.98
N VAL A 24 -19.82 -5.56 -23.98
CA VAL A 24 -19.54 -6.45 -25.10
C VAL A 24 -18.72 -7.64 -24.63
N MET A 25 -17.73 -7.40 -23.76
CA MET A 25 -16.97 -8.52 -23.21
C MET A 25 -17.90 -9.52 -22.54
N VAL A 26 -18.82 -9.02 -21.70
CA VAL A 26 -19.70 -9.91 -20.97
C VAL A 26 -20.57 -10.71 -21.93
N VAL A 27 -21.16 -10.03 -22.92
CA VAL A 27 -22.09 -10.74 -23.79
C VAL A 27 -21.36 -11.79 -24.62
N SER A 28 -20.13 -11.49 -25.05
CA SER A 28 -19.35 -12.49 -25.76
C SER A 28 -19.08 -13.69 -24.88
N ALA A 29 -18.64 -13.44 -23.64
CA ALA A 29 -18.31 -14.55 -22.74
C ALA A 29 -19.54 -15.38 -22.44
N LEU A 30 -20.71 -14.74 -22.38
CA LEU A 30 -21.93 -15.48 -22.08
C LEU A 30 -22.47 -16.23 -23.29
N TRP A 31 -22.22 -15.74 -24.51
CA TRP A 31 -22.64 -16.52 -25.67
C TRP A 31 -21.75 -17.72 -25.90
N GLN A 32 -20.43 -17.57 -25.74
CA GLN A 32 -19.56 -18.64 -26.20
C GLN A 32 -19.95 -20.01 -25.64
N PRO A 33 -20.52 -20.14 -24.44
CA PRO A 33 -21.03 -21.46 -24.04
C PRO A 33 -22.33 -21.81 -24.74
N LYS A 34 -23.16 -20.81 -25.05
CA LYS A 34 -24.35 -21.08 -25.85
C LYS A 34 -23.94 -21.62 -27.22
N LEU A 35 -22.91 -21.02 -27.81
CA LEU A 35 -22.41 -21.52 -29.09
C LEU A 35 -21.75 -22.87 -28.92
N LEU A 36 -21.14 -23.13 -27.77
CA LEU A 36 -20.65 -24.47 -27.46
C LEU A 36 -21.79 -25.48 -27.54
N GLN A 37 -22.89 -25.18 -26.88
CA GLN A 37 -24.06 -26.05 -26.92
C GLN A 37 -24.53 -26.22 -28.35
N GLN A 38 -24.59 -25.12 -29.11
CA GLN A 38 -25.07 -25.21 -30.48
C GLN A 38 -24.19 -26.13 -31.32
N VAL A 39 -22.86 -25.98 -31.19
CA VAL A 39 -21.96 -26.74 -32.04
C VAL A 39 -22.00 -28.22 -31.68
N LEU A 40 -21.97 -28.55 -30.38
CA LEU A 40 -22.00 -29.97 -30.04
C LEU A 40 -23.38 -30.56 -30.30
N GLU A 41 -24.43 -29.74 -30.24
CA GLU A 41 -25.74 -30.19 -30.68
C GLU A 41 -25.75 -30.47 -32.17
N ALA A 42 -25.06 -29.65 -32.96
CA ALA A 42 -24.92 -29.95 -34.38
C ALA A 42 -24.15 -31.24 -34.60
N ILE A 43 -23.12 -31.49 -33.79
CA ILE A 43 -22.45 -32.78 -33.82
C ILE A 43 -23.48 -33.89 -33.59
N MET A 44 -24.36 -33.69 -32.61
CA MET A 44 -25.46 -34.62 -32.41
C MET A 44 -26.30 -34.75 -33.68
N ASN A 45 -26.52 -33.64 -34.38
CA ASN A 45 -27.38 -33.61 -35.56
C ASN A 45 -26.59 -33.70 -36.87
N ASP A 46 -25.27 -33.64 -36.81
CA ASP A 46 -24.41 -33.92 -37.96
C ASP A 46 -24.72 -33.00 -39.15
N ASP A 47 -24.49 -31.71 -38.96
CA ASP A 47 -24.58 -30.72 -40.04
C ASP A 47 -23.21 -30.10 -40.25
N SER A 48 -22.48 -30.58 -41.25
CA SER A 48 -21.10 -30.14 -41.46
C SER A 48 -21.02 -28.65 -41.71
N ASP A 49 -21.82 -28.14 -42.65
CA ASP A 49 -21.79 -26.71 -42.94
C ASP A 49 -22.19 -25.89 -41.73
N LYS A 50 -23.23 -26.32 -41.01
CA LYS A 50 -23.59 -25.64 -39.77
C LYS A 50 -22.45 -25.67 -38.77
N MET A 51 -21.77 -26.82 -38.67
CA MET A 51 -20.64 -26.91 -37.75
C MET A 51 -19.58 -25.89 -38.10
N LYS A 52 -19.22 -25.80 -39.38
CA LYS A 52 -18.20 -24.85 -39.79
C LYS A 52 -18.63 -23.42 -39.51
N ASN A 53 -19.88 -23.09 -39.84
CA ASN A 53 -20.36 -21.72 -39.64
C ASN A 53 -20.35 -21.34 -38.17
N LEU A 54 -20.87 -22.23 -37.33
CA LEU A 54 -20.90 -21.96 -35.90
C LEU A 54 -19.48 -21.88 -35.33
N GLY A 55 -18.57 -22.72 -35.81
CA GLY A 55 -17.19 -22.63 -35.33
C GLY A 55 -16.54 -21.31 -35.66
N ILE A 56 -16.71 -20.86 -36.91
CA ILE A 56 -16.11 -19.59 -37.30
C ILE A 56 -16.74 -18.44 -36.51
N GLN A 57 -18.06 -18.48 -36.34
CA GLN A 57 -18.70 -17.46 -35.52
C GLN A 57 -18.13 -17.47 -34.11
N LEU A 58 -17.92 -18.66 -33.56
CA LEU A 58 -17.49 -18.78 -32.17
C LEU A 58 -16.07 -18.21 -32.01
N ILE A 59 -15.17 -18.58 -32.93
CA ILE A 59 -13.80 -18.06 -32.84
C ILE A 59 -13.79 -16.55 -33.03
N ALA A 60 -14.61 -16.06 -33.97
CA ALA A 60 -14.67 -14.62 -34.19
C ALA A 60 -15.12 -13.89 -32.94
N ILE A 61 -16.18 -14.38 -32.29
CA ILE A 61 -16.67 -13.71 -31.11
C ILE A 61 -15.66 -13.82 -29.97
N ALA A 62 -14.92 -14.94 -29.90
CA ALA A 62 -13.89 -15.06 -28.88
C ALA A 62 -12.83 -13.98 -29.07
N GLY A 63 -12.35 -13.80 -30.30
CA GLY A 63 -11.39 -12.74 -30.57
C GLY A 63 -11.97 -11.37 -30.29
N LEU A 64 -13.26 -11.19 -30.59
CA LEU A 64 -13.92 -9.92 -30.31
C LEU A 64 -13.88 -9.63 -28.81
N GLY A 65 -14.18 -10.64 -28.00
CA GLY A 65 -14.09 -10.46 -26.55
C GLY A 65 -12.68 -10.16 -26.11
N LEU A 66 -11.70 -10.82 -26.72
CA LEU A 66 -10.30 -10.55 -26.40
C LEU A 66 -10.00 -9.06 -26.59
N VAL A 67 -10.32 -8.52 -27.76
CA VAL A 67 -10.02 -7.10 -28.02
C VAL A 67 -10.86 -6.21 -27.11
N ALA A 68 -12.09 -6.61 -26.83
CA ALA A 68 -12.91 -5.87 -25.88
C ALA A 68 -12.18 -5.75 -24.55
N GLY A 69 -11.44 -6.79 -24.16
CA GLY A 69 -10.71 -6.72 -22.91
C GLY A 69 -9.70 -5.60 -22.88
N VAL A 70 -8.89 -5.51 -23.94
CA VAL A 70 -7.84 -4.48 -23.96
C VAL A 70 -8.46 -3.10 -24.01
N ILE A 71 -9.49 -2.90 -24.85
CA ILE A 71 -10.09 -1.58 -24.92
C ILE A 71 -10.74 -1.21 -23.59
N ASN A 72 -11.44 -2.16 -22.97
CA ASN A 72 -12.04 -1.93 -21.67
C ASN A 72 -11.00 -1.49 -20.65
N THR A 73 -9.91 -2.25 -20.52
CA THR A 73 -8.94 -1.92 -19.50
C THR A 73 -8.30 -0.57 -19.78
N ILE A 74 -7.95 -0.28 -21.04
CA ILE A 74 -7.26 0.96 -21.32
C ILE A 74 -8.14 2.15 -20.99
N PHE A 75 -9.41 2.12 -21.42
CA PHE A 75 -10.23 3.30 -21.18
C PHE A 75 -10.68 3.40 -19.72
N SER A 76 -10.87 2.26 -19.06
CA SER A 76 -11.11 2.29 -17.62
C SER A 76 -9.93 2.93 -16.89
N ALA A 77 -8.71 2.59 -17.31
CA ALA A 77 -7.54 3.23 -16.72
C ALA A 77 -7.54 4.72 -17.00
N LYS A 78 -7.89 5.12 -18.21
CA LYS A 78 -7.95 6.54 -18.53
C LYS A 78 -8.88 7.27 -17.58
N VAL A 79 -10.10 6.77 -17.42
CA VAL A 79 -11.04 7.45 -16.52
C VAL A 79 -10.55 7.42 -15.08
N ALA A 80 -10.00 6.28 -14.64
CA ALA A 80 -9.56 6.17 -13.25
C ALA A 80 -8.46 7.17 -12.95
N GLN A 81 -7.44 7.23 -13.80
CA GLN A 81 -6.36 8.18 -13.57
C GLN A 81 -6.87 9.61 -13.66
N GLY A 82 -7.79 9.88 -14.58
CA GLY A 82 -8.33 11.22 -14.67
C GLY A 82 -9.00 11.66 -13.38
N VAL A 83 -9.87 10.79 -12.85
CA VAL A 83 -10.59 11.14 -11.62
C VAL A 83 -9.61 11.27 -10.47
N SER A 84 -8.62 10.38 -10.39
CA SER A 84 -7.65 10.46 -9.31
C SER A 84 -6.88 11.77 -9.35
N ALA A 85 -6.38 12.15 -10.53
CA ALA A 85 -5.64 13.39 -10.64
C ALA A 85 -6.52 14.58 -10.29
N ASP A 86 -7.75 14.59 -10.81
CA ASP A 86 -8.64 15.72 -10.55
C ASP A 86 -8.94 15.85 -9.07
N ILE A 87 -9.22 14.73 -8.40
CA ILE A 87 -9.58 14.81 -6.99
C ILE A 87 -8.38 15.20 -6.14
N ARG A 88 -7.20 14.68 -6.47
CA ARG A 88 -6.02 15.10 -5.73
C ARG A 88 -5.78 16.60 -5.90
N GLU A 89 -5.93 17.10 -7.13
CA GLU A 89 -5.75 18.53 -7.37
C GLU A 89 -6.77 19.34 -6.58
N ALA A 90 -8.04 18.91 -6.59
CA ALA A 90 -9.07 19.65 -5.88
C ALA A 90 -8.79 19.70 -4.39
N THR A 91 -8.41 18.55 -3.82
CA THR A 91 -8.08 18.53 -2.41
C THR A 91 -6.87 19.40 -2.10
N PHE A 92 -5.86 19.38 -2.96
CA PHE A 92 -4.70 20.22 -2.72
C PHE A 92 -5.09 21.69 -2.71
N ARG A 93 -5.93 22.09 -3.67
CA ARG A 93 -6.41 23.47 -3.70
C ARG A 93 -7.15 23.80 -2.41
N LYS A 94 -8.07 22.93 -1.99
CA LYS A 94 -8.81 23.18 -0.76
C LYS A 94 -7.86 23.36 0.41
N ILE A 95 -6.88 22.45 0.54
CA ILE A 95 -5.91 22.55 1.63
C ILE A 95 -5.24 23.92 1.60
N GLN A 96 -4.75 24.32 0.43
CA GLN A 96 -4.05 25.59 0.33
C GLN A 96 -4.96 26.78 0.55
N THR A 97 -6.27 26.61 0.47
CA THR A 97 -7.21 27.69 0.75
C THR A 97 -7.71 27.70 2.18
N PHE A 98 -7.23 26.79 3.04
CA PHE A 98 -7.69 26.76 4.41
C PHE A 98 -7.13 27.92 5.22
N SER A 99 -7.80 28.20 6.33
CA SER A 99 -7.21 29.02 7.38
C SER A 99 -6.36 28.15 8.30
N PHE A 100 -5.42 28.79 8.99
CA PHE A 100 -4.50 28.02 9.82
C PHE A 100 -5.24 27.19 10.85
N GLY A 101 -6.36 27.71 11.35
CA GLY A 101 -7.17 26.91 12.28
C GLY A 101 -7.76 25.67 11.62
N ASN A 102 -8.33 25.84 10.42
CA ASN A 102 -8.84 24.69 9.69
C ASN A 102 -7.73 23.67 9.44
N ILE A 103 -6.52 24.15 9.20
CA ILE A 103 -5.38 23.25 9.07
C ILE A 103 -5.11 22.54 10.39
N GLU A 104 -5.17 23.27 11.50
CA GLU A 104 -4.97 22.67 12.82
C GLU A 104 -6.07 21.68 13.16
N LYS A 105 -7.18 21.69 12.44
CA LYS A 105 -8.25 20.73 12.70
C LYS A 105 -7.74 19.30 12.60
N PHE A 106 -6.69 19.07 11.84
CA PHE A 106 -6.13 17.74 11.66
C PHE A 106 -4.61 17.80 11.73
N SER A 107 -4.02 16.66 12.07
CA SER A 107 -2.56 16.58 12.16
C SER A 107 -1.94 16.46 10.77
N ALA A 108 -0.76 17.05 10.62
CA ALA A 108 -0.08 17.02 9.32
C ALA A 108 0.06 15.59 8.80
N GLY A 109 0.41 14.66 9.68
CA GLY A 109 0.44 13.27 9.27
C GLY A 109 -0.89 12.81 8.73
N ASN A 110 -1.99 13.21 9.39
CA ASN A 110 -3.32 12.86 8.91
C ASN A 110 -3.58 13.47 7.54
N LEU A 111 -3.21 14.73 7.35
CA LEU A 111 -3.39 15.35 6.04
C LEU A 111 -2.65 14.55 4.97
N VAL A 112 -1.36 14.28 5.18
CA VAL A 112 -0.58 13.65 4.15
C VAL A 112 -1.10 12.24 3.87
N VAL A 113 -1.43 11.48 4.91
CA VAL A 113 -1.89 10.11 4.69
C VAL A 113 -3.21 10.11 3.93
N ARG A 114 -4.19 10.90 4.39
CA ARG A 114 -5.47 10.91 3.70
C ARG A 114 -5.39 11.60 2.35
N LEU A 115 -4.27 12.27 2.06
CA LEU A 115 -4.14 12.96 0.78
C LEU A 115 -3.39 12.12 -0.23
N THR A 116 -2.55 11.18 0.23
CA THR A 116 -1.76 10.35 -0.67
C THR A 116 -2.20 8.89 -0.70
N ASN A 117 -2.43 8.26 0.45
CA ASN A 117 -2.83 6.87 0.46
C ASN A 117 -4.28 6.72 0.00
N ASP A 118 -5.17 7.56 0.52
CA ASP A 118 -6.58 7.42 0.18
C ASP A 118 -6.82 7.73 -1.30
N VAL A 119 -6.13 8.72 -1.85
CA VAL A 119 -6.36 9.07 -3.25
C VAL A 119 -6.01 7.89 -4.15
N THR A 120 -4.85 7.26 -3.92
CA THR A 120 -4.49 6.11 -4.73
C THR A 120 -5.40 4.92 -4.44
N GLN A 121 -5.85 4.78 -3.20
CA GLN A 121 -6.78 3.69 -2.88
C GLN A 121 -8.06 3.83 -3.69
N ILE A 122 -8.62 5.04 -3.73
CA ILE A 122 -9.84 5.26 -4.49
C ILE A 122 -9.57 5.15 -5.98
N GLN A 123 -8.40 5.57 -6.44
CA GLN A 123 -8.04 5.39 -7.85
C GLN A 123 -8.10 3.91 -8.22
N ASN A 124 -7.44 3.06 -7.42
CA ASN A 124 -7.47 1.64 -7.70
C ASN A 124 -8.89 1.09 -7.59
N VAL A 125 -9.66 1.61 -6.64
CA VAL A 125 -11.03 1.12 -6.44
C VAL A 125 -11.86 1.40 -7.68
N ILE A 126 -11.81 2.64 -8.18
CA ILE A 126 -12.60 2.99 -9.36
C ILE A 126 -12.08 2.25 -10.58
N MET A 127 -10.76 2.03 -10.66
CA MET A 127 -10.21 1.17 -11.70
C MET A 127 -10.89 -0.19 -11.71
N ILE A 128 -10.88 -0.87 -10.56
CA ILE A 128 -11.53 -2.17 -10.47
C ILE A 128 -13.02 -2.03 -10.75
N ALA A 129 -13.61 -0.90 -10.37
CA ALA A 129 -15.05 -0.72 -10.52
C ALA A 129 -15.44 -0.72 -11.98
N LEU A 130 -14.80 0.13 -12.78
CA LEU A 130 -15.12 0.19 -14.21
C LEU A 130 -14.67 -1.07 -14.91
N GLN A 131 -13.48 -1.56 -14.59
CA GLN A 131 -12.98 -2.76 -15.26
C GLN A 131 -13.70 -4.02 -14.81
N THR A 132 -14.11 -4.10 -13.54
CA THR A 132 -14.65 -5.34 -13.01
C THR A 132 -16.07 -5.20 -12.49
N LEU A 133 -16.31 -4.26 -11.57
CA LEU A 133 -17.55 -4.29 -10.79
C LEU A 133 -18.78 -4.38 -11.69
N PHE A 134 -18.89 -3.48 -12.67
CA PHE A 134 -20.05 -3.51 -13.54
C PHE A 134 -20.14 -4.82 -14.31
N ARG A 135 -19.04 -5.58 -14.37
CA ARG A 135 -19.07 -6.89 -15.03
C ARG A 135 -19.88 -7.89 -14.22
N ILE A 136 -19.70 -7.91 -12.90
CA ILE A 136 -20.27 -8.95 -12.06
C ILE A 136 -21.79 -8.99 -12.15
N PRO A 137 -22.51 -7.88 -11.93
CA PRO A 137 -23.97 -7.99 -11.85
C PRO A 137 -24.60 -8.41 -13.16
N PHE A 138 -24.22 -7.77 -14.27
CA PHE A 138 -24.78 -8.17 -15.56
C PHE A 138 -24.37 -9.60 -15.89
N LEU A 139 -23.12 -9.96 -15.62
CA LEU A 139 -22.69 -11.34 -15.80
C LEU A 139 -23.61 -12.29 -15.07
N PHE A 140 -23.86 -12.01 -13.79
CA PHE A 140 -24.67 -12.89 -12.95
C PHE A 140 -26.08 -13.03 -13.51
N ILE A 141 -26.73 -11.91 -13.77
CA ILE A 141 -28.12 -11.96 -14.23
C ILE A 141 -28.22 -12.63 -15.60
N GLY A 142 -27.30 -12.31 -16.49
CA GLY A 142 -27.32 -12.91 -17.81
C GLY A 142 -27.11 -14.41 -17.75
N SER A 143 -26.13 -14.85 -16.97
CA SER A 143 -25.92 -16.28 -16.82
C SER A 143 -27.16 -16.95 -16.24
N PHE A 144 -27.75 -16.33 -15.22
CA PHE A 144 -28.96 -16.89 -14.63
C PHE A 144 -30.05 -17.09 -15.67
N ILE A 145 -30.37 -16.03 -16.40
CA ILE A 145 -31.49 -16.08 -17.33
C ILE A 145 -31.19 -17.03 -18.48
N LEU A 146 -29.98 -16.99 -19.02
CA LEU A 146 -29.64 -17.86 -20.14
C LEU A 146 -29.66 -19.32 -19.71
N ALA A 147 -29.11 -19.63 -18.53
CA ALA A 147 -29.13 -21.00 -18.05
C ALA A 147 -30.55 -21.47 -17.83
N MET A 148 -31.42 -20.61 -17.30
CA MET A 148 -32.82 -20.97 -17.17
C MET A 148 -33.41 -21.27 -18.55
N LEU A 149 -33.06 -20.45 -19.53
CA LEU A 149 -33.62 -20.61 -20.87
C LEU A 149 -33.20 -21.94 -21.47
N THR A 150 -31.91 -22.29 -21.36
CA THR A 150 -31.40 -23.48 -22.02
C THR A 150 -31.80 -24.76 -21.30
N LEU A 151 -31.91 -24.75 -19.97
CA LEU A 151 -32.41 -25.92 -19.26
C LEU A 151 -33.48 -25.48 -18.27
N PRO A 152 -34.67 -25.09 -18.75
CA PRO A 152 -35.70 -24.62 -17.81
C PRO A 152 -36.02 -25.62 -16.72
N GLN A 153 -36.02 -26.91 -17.05
CA GLN A 153 -36.41 -27.92 -16.08
C GLN A 153 -35.46 -27.96 -14.88
N LEU A 154 -34.28 -27.38 -15.01
CA LEU A 154 -33.29 -27.38 -13.93
C LEU A 154 -33.30 -26.08 -13.14
N TRP A 155 -34.32 -25.25 -13.31
CA TRP A 155 -34.31 -23.93 -12.70
C TRP A 155 -33.98 -24.00 -11.21
N TRP A 156 -34.52 -24.99 -10.52
CA TRP A 156 -34.39 -25.04 -9.07
C TRP A 156 -32.95 -25.24 -8.63
N VAL A 157 -32.17 -26.03 -9.37
CA VAL A 157 -30.81 -26.31 -8.91
C VAL A 157 -29.96 -25.04 -8.92
N ILE A 158 -30.22 -24.13 -9.85
CA ILE A 158 -29.49 -22.85 -9.83
C ILE A 158 -29.79 -22.13 -8.53
N VAL A 159 -31.07 -22.10 -8.14
CA VAL A 159 -31.47 -21.42 -6.92
C VAL A 159 -30.81 -22.07 -5.72
N ALA A 160 -30.75 -23.40 -5.70
CA ALA A 160 -30.11 -24.08 -4.58
C ALA A 160 -28.64 -23.73 -4.50
N LEU A 161 -27.93 -23.74 -5.64
CA LEU A 161 -26.51 -23.43 -5.61
C LEU A 161 -26.27 -22.01 -5.13
N VAL A 162 -27.07 -21.06 -5.64
CA VAL A 162 -26.86 -19.67 -5.23
C VAL A 162 -27.18 -19.52 -3.75
N ILE A 163 -28.18 -20.25 -3.24
CA ILE A 163 -28.49 -20.19 -1.82
C ILE A 163 -27.31 -20.69 -1.00
N ALA A 164 -26.75 -21.83 -1.39
CA ALA A 164 -25.65 -22.42 -0.62
C ALA A 164 -24.43 -21.51 -0.64
N VAL A 165 -24.07 -21.00 -1.81
CA VAL A 165 -22.91 -20.13 -1.90
C VAL A 165 -23.16 -18.85 -1.12
N ILE A 166 -24.40 -18.37 -1.11
CA ILE A 166 -24.74 -17.19 -0.34
C ILE A 166 -24.57 -17.48 1.15
N LEU A 167 -24.97 -18.66 1.59
CA LEU A 167 -24.81 -19.04 2.99
C LEU A 167 -23.34 -18.99 3.39
N ILE A 168 -22.50 -19.69 2.61
CA ILE A 168 -21.09 -19.74 2.98
C ILE A 168 -20.45 -18.36 2.84
N SER A 169 -20.89 -17.57 1.86
CA SER A 169 -20.38 -16.22 1.71
C SER A 169 -20.81 -15.35 2.88
N MET A 170 -21.97 -15.63 3.47
CA MET A 170 -22.37 -14.92 4.67
C MET A 170 -21.46 -15.26 5.83
N LEU A 171 -21.20 -16.55 6.02
CA LEU A 171 -20.24 -16.95 7.05
C LEU A 171 -18.92 -16.22 6.87
N SER A 172 -18.44 -16.15 5.63
CA SER A 172 -17.20 -15.44 5.36
C SER A 172 -17.35 -13.95 5.66
N PHE A 173 -18.38 -13.31 5.11
CA PHE A 173 -18.54 -11.87 5.28
C PHE A 173 -18.60 -11.50 6.75
N SER A 174 -19.02 -12.43 7.62
CA SER A 174 -18.97 -12.16 9.04
C SER A 174 -17.56 -12.37 9.59
N GLN A 175 -17.07 -13.61 9.53
CA GLN A 175 -15.85 -13.96 10.25
C GLN A 175 -14.63 -13.25 9.67
N MET A 176 -14.51 -13.23 8.34
CA MET A 176 -13.34 -12.67 7.70
C MET A 176 -13.19 -11.19 8.01
N GLY A 177 -14.27 -10.42 7.96
CA GLY A 177 -14.18 -9.03 8.35
C GLY A 177 -13.87 -8.87 9.83
N LYS A 178 -14.57 -9.64 10.66
CA LYS A 178 -14.36 -9.56 12.11
C LYS A 178 -12.90 -9.75 12.46
N HIS A 179 -12.20 -10.62 11.72
CA HIS A 179 -10.78 -10.84 11.96
C HIS A 179 -9.88 -9.91 11.16
N PHE A 180 -10.32 -9.47 9.98
CA PHE A 180 -9.51 -8.59 9.15
C PHE A 180 -9.27 -7.27 9.86
N MET A 181 -10.30 -6.70 10.48
CA MET A 181 -10.08 -5.43 11.17
C MET A 181 -8.99 -5.55 12.23
N ILE A 182 -9.08 -6.58 13.06
CA ILE A 182 -8.12 -6.73 14.15
C ILE A 182 -6.73 -7.02 13.62
N ILE A 183 -6.61 -7.86 12.59
CA ILE A 183 -5.28 -8.18 12.08
C ILE A 183 -4.68 -6.97 11.39
N GLN A 184 -5.48 -6.15 10.72
CA GLN A 184 -4.96 -4.92 10.15
C GLN A 184 -4.41 -4.02 11.25
N ASN A 185 -5.18 -3.87 12.34
CA ASN A 185 -4.68 -3.07 13.45
C ASN A 185 -3.38 -3.64 14.01
N LEU A 186 -3.31 -4.96 14.12
CA LEU A 186 -2.12 -5.58 14.71
C LEU A 186 -0.90 -5.44 13.81
N ILE A 187 -1.08 -5.62 12.50
CA ILE A 187 0.04 -5.45 11.59
C ILE A 187 0.51 -4.01 11.58
N ASP A 188 -0.41 -3.05 11.68
CA ASP A 188 0.01 -1.66 11.82
C ASP A 188 0.76 -1.45 13.12
N LYS A 189 0.30 -2.09 14.20
CA LYS A 189 0.96 -1.96 15.49
C LYS A 189 2.39 -2.48 15.43
N ILE A 190 2.60 -3.60 14.73
CA ILE A 190 3.93 -4.16 14.61
C ILE A 190 4.86 -3.18 13.92
N ASN A 191 4.41 -2.60 12.80
CA ASN A 191 5.23 -1.62 12.10
C ASN A 191 5.49 -0.41 12.99
N GLY A 192 4.50 0.01 13.77
CA GLY A 192 4.71 1.15 14.63
C GLY A 192 5.77 0.91 15.68
N ILE A 193 5.72 -0.27 16.32
CA ILE A 193 6.73 -0.58 17.33
C ILE A 193 8.09 -0.71 16.68
N ALA A 194 8.15 -1.26 15.45
CA ALA A 194 9.42 -1.33 14.75
C ALA A 194 9.97 0.06 14.50
N LYS A 195 9.12 0.98 14.06
CA LYS A 195 9.53 2.37 13.88
C LYS A 195 10.11 2.93 15.17
N GLU A 196 9.37 2.79 16.27
CA GLU A 196 9.80 3.39 17.53
C GLU A 196 11.11 2.80 17.99
N ASN A 197 11.24 1.47 17.92
CA ASN A 197 12.49 0.84 18.33
C ASN A 197 13.64 1.29 17.45
N LEU A 198 13.43 1.36 16.14
CA LEU A 198 14.51 1.70 15.24
C LEU A 198 15.03 3.10 15.50
N LEU A 199 14.13 4.09 15.51
CA LEU A 199 14.60 5.46 15.73
C LEU A 199 15.25 5.61 17.09
N GLY A 200 14.82 4.83 18.08
CA GLY A 200 15.46 4.83 19.37
C GLY A 200 16.59 3.86 19.52
N ILE A 201 17.01 3.20 18.43
CA ILE A 201 18.03 2.17 18.53
C ILE A 201 19.20 2.63 19.37
N ARG A 202 19.55 3.91 19.30
CA ARG A 202 20.60 4.44 20.17
C ARG A 202 20.28 4.12 21.63
N VAL A 203 19.17 4.65 22.12
CA VAL A 203 18.80 4.43 23.51
C VAL A 203 18.46 2.98 23.79
N VAL A 204 17.81 2.29 22.85
CA VAL A 204 17.45 0.90 23.09
C VAL A 204 18.70 0.07 23.34
N LYS A 205 19.69 0.18 22.46
CA LYS A 205 20.95 -0.51 22.68
C LYS A 205 21.70 0.05 23.87
N SER A 206 21.40 1.28 24.27
CA SER A 206 22.01 1.83 25.47
C SER A 206 21.64 1.05 26.72
N PHE A 207 20.56 0.28 26.68
CA PHE A 207 20.09 -0.47 27.82
C PHE A 207 19.83 -1.91 27.41
N VAL A 208 20.01 -2.83 28.38
CA VAL A 208 19.68 -4.23 28.13
C VAL A 208 18.19 -4.41 27.90
N GLN A 209 17.39 -3.37 28.13
CA GLN A 209 15.95 -3.46 27.90
C GLN A 209 15.61 -3.84 26.47
N GLU A 210 16.61 -3.85 25.58
CA GLU A 210 16.36 -4.33 24.22
C GLU A 210 15.84 -5.75 24.22
N LYS A 211 16.32 -6.59 25.14
CA LYS A 211 15.85 -7.97 25.19
C LYS A 211 14.37 -8.02 25.52
N ASN A 212 13.94 -7.24 26.51
CA ASN A 212 12.53 -7.21 26.86
C ASN A 212 11.71 -6.59 25.74
N GLN A 213 12.27 -5.61 25.03
CA GLN A 213 11.57 -5.07 23.87
C GLN A 213 11.37 -6.15 22.81
N LEU A 214 12.39 -6.97 22.59
CA LEU A 214 12.25 -8.09 21.68
C LEU A 214 11.17 -9.04 22.17
N SER A 215 11.14 -9.31 23.46
CA SER A 215 10.09 -10.19 24.00
C SER A 215 8.70 -9.60 23.74
N ARG A 216 8.56 -8.29 23.92
CA ARG A 216 7.28 -7.64 23.65
C ARG A 216 6.89 -7.77 22.18
N PHE A 217 7.84 -7.51 21.29
CA PHE A 217 7.56 -7.63 19.86
C PHE A 217 7.15 -9.05 19.51
N THR A 218 7.86 -10.03 20.07
CA THR A 218 7.54 -11.43 19.82
C THR A 218 6.15 -11.77 20.36
N LYS A 219 5.81 -11.27 21.53
CA LYS A 219 4.47 -11.48 22.06
C LYS A 219 3.43 -10.96 21.08
N VAL A 220 3.60 -9.72 20.63
CA VAL A 220 2.63 -9.11 19.72
C VAL A 220 2.49 -9.95 18.46
N SER A 221 3.62 -10.34 17.88
CA SER A 221 3.57 -11.21 16.72
C SER A 221 2.85 -12.51 17.04
N GLU A 222 2.98 -12.99 18.27
CA GLU A 222 2.30 -14.22 18.65
C GLU A 222 0.79 -14.06 18.62
N GLU A 223 0.28 -12.95 19.18
CA GLU A 223 -1.17 -12.74 19.03
C GLU A 223 -1.55 -12.62 17.57
N LEU A 224 -0.73 -11.93 16.77
CA LEU A 224 -0.99 -11.91 15.34
C LEU A 224 -1.09 -13.31 14.76
N THR A 225 -0.28 -14.24 15.26
CA THR A 225 -0.26 -15.60 14.74
C THR A 225 -1.60 -16.29 14.87
N THR A 226 -2.27 -16.14 16.02
CA THR A 226 -3.55 -16.82 16.20
C THR A 226 -4.56 -16.34 15.17
N HIS A 227 -4.67 -15.03 14.98
CA HIS A 227 -5.62 -14.52 14.00
C HIS A 227 -5.24 -14.93 12.60
N ASN A 228 -3.94 -14.93 12.28
CA ASN A 228 -3.51 -15.35 10.96
C ASN A 228 -3.88 -16.81 10.72
N LEU A 229 -3.69 -17.66 11.73
CA LEU A 229 -4.08 -19.06 11.62
C LEU A 229 -5.58 -19.19 11.44
N ILE A 230 -6.35 -18.37 12.15
CA ILE A 230 -7.80 -18.42 12.02
C ILE A 230 -8.21 -18.09 10.59
N VAL A 231 -7.64 -17.03 10.02
CA VAL A 231 -8.01 -16.64 8.66
C VAL A 231 -7.55 -17.70 7.68
N GLY A 232 -6.40 -18.32 7.93
CA GLY A 232 -5.97 -19.42 7.09
C GLY A 232 -6.96 -20.56 7.11
N SER A 233 -7.46 -20.89 8.30
CA SER A 233 -8.49 -21.91 8.41
C SER A 233 -9.73 -21.49 7.64
N LEU A 234 -10.06 -20.21 7.67
CA LEU A 234 -11.24 -19.73 6.94
C LEU A 234 -11.06 -19.92 5.44
N PHE A 235 -9.89 -19.56 4.91
CA PHE A 235 -9.58 -19.92 3.53
C PHE A 235 -9.79 -21.41 3.31
N ALA A 236 -9.16 -22.24 4.15
CA ALA A 236 -9.16 -23.67 3.92
C ALA A 236 -10.53 -24.28 4.05
N VAL A 237 -11.47 -23.57 4.66
CA VAL A 237 -12.84 -24.04 4.72
C VAL A 237 -13.65 -23.54 3.52
N MET A 238 -13.55 -22.25 3.21
CA MET A 238 -14.41 -21.70 2.17
C MET A 238 -13.99 -22.19 0.78
N ILE A 239 -12.72 -22.06 0.43
CA ILE A 239 -12.29 -22.44 -0.91
C ILE A 239 -12.64 -23.88 -1.21
N PRO A 240 -12.33 -24.87 -0.36
CA PRO A 240 -12.91 -26.19 -0.56
C PRO A 240 -14.42 -26.18 -0.55
N ALA A 241 -15.03 -25.35 0.29
CA ALA A 241 -16.49 -25.30 0.34
C ALA A 241 -17.05 -24.83 -1.00
N PHE A 242 -16.50 -23.73 -1.54
CA PHE A 242 -16.94 -23.26 -2.84
C PHE A 242 -16.76 -24.32 -3.91
N MET A 243 -15.57 -24.92 -3.96
CA MET A 243 -15.30 -25.87 -5.04
C MET A 243 -16.21 -27.07 -4.92
N LEU A 244 -16.45 -27.53 -3.68
CA LEU A 244 -17.36 -28.64 -3.44
C LEU A 244 -18.77 -28.32 -3.88
N VAL A 245 -19.28 -27.15 -3.52
CA VAL A 245 -20.66 -26.84 -3.89
C VAL A 245 -20.78 -26.77 -5.40
N ALA A 246 -19.80 -26.15 -6.07
CA ALA A 246 -19.85 -26.07 -7.53
C ALA A 246 -19.82 -27.47 -8.15
N ASN A 247 -18.91 -28.32 -7.67
CA ASN A 247 -18.79 -29.66 -8.24
C ASN A 247 -20.07 -30.47 -7.99
N LEU A 248 -20.61 -30.37 -6.78
CA LEU A 248 -21.84 -31.09 -6.46
C LEU A 248 -22.96 -30.61 -7.35
N ALA A 249 -23.05 -29.30 -7.59
CA ALA A 249 -24.08 -28.79 -8.48
C ALA A 249 -23.92 -29.33 -9.89
N VAL A 250 -22.69 -29.36 -10.40
CA VAL A 250 -22.47 -29.87 -11.75
C VAL A 250 -22.88 -31.33 -11.85
N VAL A 251 -22.42 -32.14 -10.90
CA VAL A 251 -22.71 -33.57 -10.96
C VAL A 251 -24.20 -33.81 -10.80
N GLY A 252 -24.87 -33.06 -9.93
CA GLY A 252 -26.32 -33.18 -9.83
C GLY A 252 -27.00 -32.78 -11.11
N SER A 253 -26.49 -31.77 -11.79
CA SER A 253 -27.02 -31.39 -13.09
C SER A 253 -26.93 -32.56 -14.05
N ILE A 254 -25.78 -33.23 -14.09
CA ILE A 254 -25.65 -34.39 -14.97
C ILE A 254 -26.61 -35.49 -14.56
N PHE A 255 -26.77 -35.71 -13.26
CA PHE A 255 -27.54 -36.85 -12.78
C PHE A 255 -29.03 -36.66 -13.03
N PHE A 256 -29.56 -35.50 -12.68
CA PHE A 256 -31.01 -35.31 -12.71
C PHE A 256 -31.52 -35.10 -14.13
N VAL A 257 -30.69 -34.58 -15.04
CA VAL A 257 -31.17 -34.39 -16.40
C VAL A 257 -31.62 -35.71 -17.00
N SER A 258 -31.03 -36.82 -16.55
CA SER A 258 -31.40 -38.13 -17.07
C SER A 258 -32.87 -38.45 -16.83
N ASN A 259 -33.51 -37.82 -15.86
CA ASN A 259 -34.91 -38.11 -15.56
C ASN A 259 -35.86 -37.53 -16.59
N LEU A 260 -35.40 -36.64 -17.45
CA LEU A 260 -36.26 -35.96 -18.42
C LEU A 260 -35.83 -36.15 -19.87
N VAL A 261 -34.69 -36.79 -20.13
CA VAL A 261 -34.24 -36.97 -21.49
C VAL A 261 -35.20 -37.83 -22.29
N LYS A 262 -36.08 -38.58 -21.62
CA LYS A 262 -36.93 -39.54 -22.32
C LYS A 262 -37.67 -38.86 -23.48
N ASP A 263 -38.33 -37.75 -23.21
CA ASP A 263 -39.11 -37.04 -24.22
C ASP A 263 -38.27 -36.03 -24.99
N ASP A 264 -37.04 -35.75 -24.56
CA ASP A 264 -36.18 -34.83 -25.30
C ASP A 264 -34.72 -35.17 -25.06
N PRO A 265 -34.01 -35.69 -26.07
CA PRO A 265 -32.58 -35.93 -25.89
C PRO A 265 -31.70 -34.72 -26.14
N THR A 266 -32.17 -33.74 -26.92
CA THR A 266 -31.36 -32.56 -27.20
C THR A 266 -30.80 -31.93 -25.94
N LEU A 267 -31.43 -32.18 -24.78
CA LEU A 267 -30.93 -31.68 -23.52
C LEU A 267 -29.50 -32.14 -23.25
N ILE A 268 -29.10 -33.26 -23.85
CA ILE A 268 -27.70 -33.65 -23.83
C ILE A 268 -26.84 -32.51 -24.37
N GLY A 269 -27.33 -31.86 -25.42
CA GLY A 269 -26.61 -30.72 -25.95
C GLY A 269 -26.48 -29.60 -24.94
N GLY A 270 -27.55 -29.31 -24.22
CA GLY A 270 -27.52 -28.21 -23.27
C GLY A 270 -26.59 -28.47 -22.10
N VAL A 271 -26.56 -29.71 -21.62
CA VAL A 271 -26.03 -29.97 -20.28
C VAL A 271 -24.64 -29.37 -20.10
N ALA A 272 -23.77 -29.50 -21.10
CA ALA A 272 -22.41 -29.01 -20.95
C ALA A 272 -22.38 -27.50 -20.79
N SER A 273 -23.05 -26.79 -21.70
CA SER A 273 -23.14 -25.34 -21.57
C SER A 273 -23.78 -24.95 -20.25
N PHE A 274 -24.74 -25.76 -19.79
CA PHE A 274 -25.42 -25.44 -18.54
C PHE A 274 -24.46 -25.50 -17.37
N MET A 275 -23.66 -26.56 -17.28
CA MET A 275 -22.71 -26.64 -16.18
C MET A 275 -21.67 -25.54 -16.31
N ASN A 276 -21.28 -25.19 -17.53
CA ASN A 276 -20.39 -24.06 -17.72
C ASN A 276 -20.99 -22.79 -17.13
N TYR A 277 -22.25 -22.51 -17.47
CA TYR A 277 -22.92 -21.33 -16.95
C TYR A 277 -23.02 -21.40 -15.44
N LEU A 278 -23.24 -22.59 -14.90
CA LEU A 278 -23.42 -22.75 -13.46
C LEU A 278 -22.13 -22.40 -12.72
N MET A 279 -21.01 -22.94 -13.20
CA MET A 279 -19.71 -22.57 -12.63
C MET A 279 -19.47 -21.08 -12.82
N GLN A 280 -19.83 -20.54 -13.98
CA GLN A 280 -19.62 -19.12 -14.25
C GLN A 280 -20.35 -18.27 -13.22
N ILE A 281 -21.62 -18.59 -12.96
CA ILE A 281 -22.40 -17.77 -12.04
C ILE A 281 -21.87 -17.92 -10.62
N MET A 282 -21.43 -19.12 -10.24
CA MET A 282 -20.85 -19.28 -8.91
C MET A 282 -19.62 -18.38 -8.76
N MET A 283 -18.73 -18.41 -9.76
CA MET A 283 -17.55 -17.57 -9.71
C MET A 283 -17.94 -16.10 -9.66
N ALA A 284 -18.94 -15.72 -10.45
CA ALA A 284 -19.36 -14.32 -10.50
C ALA A 284 -19.86 -13.86 -9.14
N ILE A 285 -20.69 -14.67 -8.48
CA ILE A 285 -21.22 -14.24 -7.20
C ILE A 285 -20.11 -14.16 -6.16
N ILE A 286 -19.19 -15.12 -6.14
CA ILE A 286 -18.13 -15.07 -5.14
C ILE A 286 -17.24 -13.85 -5.35
N ILE A 287 -16.87 -13.56 -6.60
CA ILE A 287 -16.03 -12.40 -6.85
C ILE A 287 -16.78 -11.12 -6.52
N GLY A 288 -18.08 -11.08 -6.81
CA GLY A 288 -18.88 -9.92 -6.42
C GLY A 288 -18.88 -9.70 -4.93
N GLY A 289 -19.02 -10.78 -4.17
CA GLY A 289 -18.95 -10.66 -2.72
C GLY A 289 -17.60 -10.13 -2.27
N MET A 290 -16.53 -10.66 -2.85
CA MET A 290 -15.19 -10.21 -2.48
C MET A 290 -15.03 -8.72 -2.75
N MET A 291 -15.47 -8.26 -3.93
CA MET A 291 -15.30 -6.86 -4.29
C MET A 291 -16.21 -5.97 -3.44
N MET A 292 -17.42 -6.44 -3.11
CA MET A 292 -18.26 -5.68 -2.20
C MET A 292 -17.60 -5.52 -0.85
N MET A 293 -16.98 -6.59 -0.35
CA MET A 293 -16.27 -6.49 0.92
C MET A 293 -15.13 -5.48 0.82
N MET A 294 -14.37 -5.53 -0.27
CA MET A 294 -13.27 -4.58 -0.44
C MET A 294 -13.77 -3.16 -0.59
N THR A 295 -15.02 -2.98 -1.03
CA THR A 295 -15.56 -1.64 -1.24
C THR A 295 -15.68 -0.86 0.06
N SER A 296 -15.63 -1.52 1.21
CA SER A 296 -15.73 -0.80 2.48
C SER A 296 -14.57 0.15 2.67
N ARG A 297 -13.36 -0.27 2.30
CA ARG A 297 -12.21 0.62 2.37
C ARG A 297 -12.41 1.83 1.49
N ALA A 298 -12.96 1.64 0.29
CA ALA A 298 -13.24 2.77 -0.58
C ALA A 298 -14.25 3.71 0.06
N ALA A 299 -15.28 3.14 0.70
CA ALA A 299 -16.27 3.96 1.38
C ALA A 299 -15.60 4.80 2.46
N VAL A 300 -14.72 4.19 3.25
CA VAL A 300 -14.04 4.92 4.31
C VAL A 300 -13.19 6.03 3.72
N SER A 301 -12.46 5.73 2.65
CA SER A 301 -11.58 6.73 2.07
C SER A 301 -12.37 7.91 1.50
N ILE A 302 -13.47 7.62 0.81
CA ILE A 302 -14.27 8.70 0.24
C ILE A 302 -14.91 9.52 1.36
N LYS A 303 -15.36 8.87 2.43
CA LYS A 303 -15.87 9.62 3.57
C LYS A 303 -14.81 10.55 4.14
N ARG A 304 -13.59 10.03 4.31
CA ARG A 304 -12.51 10.83 4.86
C ARG A 304 -12.17 12.02 3.98
N ILE A 305 -12.13 11.82 2.66
CA ILE A 305 -11.76 12.92 1.77
C ILE A 305 -12.89 13.93 1.65
N LYS A 306 -14.14 13.48 1.82
CA LYS A 306 -15.28 14.38 1.65
C LYS A 306 -15.20 15.57 2.60
N GLU A 307 -15.01 15.29 3.88
CA GLU A 307 -15.04 16.37 4.87
C GLU A 307 -13.94 17.40 4.60
N VAL A 308 -12.74 16.94 4.27
CA VAL A 308 -11.66 17.89 3.98
C VAL A 308 -12.00 18.67 2.71
N MET A 309 -12.65 18.02 1.75
CA MET A 309 -13.03 18.73 0.53
C MET A 309 -14.03 19.84 0.83
N GLU A 310 -15.00 19.57 1.69
CA GLU A 310 -16.12 20.50 1.87
C GLU A 310 -15.85 21.61 2.88
N THR A 311 -15.00 21.36 3.87
CA THR A 311 -14.86 22.31 4.97
C THR A 311 -14.49 23.69 4.46
N GLU A 312 -15.18 24.71 4.95
CA GLU A 312 -14.92 26.09 4.57
C GLU A 312 -13.83 26.68 5.47
N PRO A 313 -13.21 27.78 5.04
CA PRO A 313 -12.12 28.36 5.83
C PRO A 313 -12.65 29.24 6.96
N ASP A 314 -11.71 29.67 7.81
CA ASP A 314 -12.04 30.61 8.87
C ASP A 314 -11.98 32.06 8.38
N VAL A 315 -11.14 32.34 7.38
CA VAL A 315 -10.95 33.69 6.86
C VAL A 315 -11.64 33.79 5.51
N THR A 316 -12.15 34.98 5.18
CA THR A 316 -12.88 35.20 3.94
C THR A 316 -12.56 36.57 3.39
N TYR A 317 -12.67 36.70 2.07
CA TYR A 317 -12.58 38.00 1.42
C TYR A 317 -13.78 38.85 1.79
N LYS A 318 -13.60 40.17 1.71
CA LYS A 318 -14.69 41.09 2.02
C LYS A 318 -14.67 42.26 1.06
N LYS A 319 -15.80 42.47 0.38
CA LYS A 319 -16.08 43.69 -0.37
C LYS A 319 -14.95 44.09 -1.32
N VAL A 320 -14.12 45.04 -0.92
CA VAL A 320 -13.25 45.76 -1.85
C VAL A 320 -11.80 45.66 -1.40
N PRO A 321 -10.84 45.68 -2.33
CA PRO A 321 -9.44 45.79 -1.92
C PRO A 321 -9.20 47.10 -1.18
N GLU A 322 -8.28 47.07 -0.22
CA GLU A 322 -8.07 48.19 0.66
C GLU A 322 -6.94 49.08 0.17
N GLN A 323 -6.84 50.26 0.78
CA GLN A 323 -5.76 51.17 0.48
C GLN A 323 -4.44 50.61 1.04
N GLU A 324 -3.37 51.37 0.85
CA GLU A 324 -2.10 51.00 1.45
C GLU A 324 -2.19 51.11 2.97
N LEU A 325 -1.61 50.14 3.65
CA LEU A 325 -1.64 50.11 5.10
C LEU A 325 -0.96 51.36 5.66
N ILE A 326 -1.61 52.02 6.63
CA ILE A 326 -1.02 53.19 7.26
C ILE A 326 0.18 52.77 8.11
N GLY A 327 0.10 51.64 8.78
CA GLY A 327 1.18 51.13 9.58
C GLY A 327 0.94 51.09 11.08
N SER A 328 -0.27 51.38 11.52
CA SER A 328 -0.60 51.36 12.94
C SER A 328 -1.30 50.05 13.29
N VAL A 329 -1.18 49.67 14.56
CA VAL A 329 -1.81 48.47 15.10
C VAL A 329 -2.52 48.83 16.39
N GLU A 330 -3.75 48.35 16.55
CA GLU A 330 -4.53 48.60 17.75
C GLU A 330 -5.39 47.39 18.07
N PHE A 331 -5.61 47.14 19.36
CA PHE A 331 -6.41 46.04 19.83
C PHE A 331 -7.58 46.57 20.64
N ASP A 332 -8.75 45.92 20.51
CA ASP A 332 -9.99 46.36 21.15
C ASP A 332 -10.62 45.19 21.89
N HIS A 333 -10.23 44.99 23.15
CA HIS A 333 -10.89 44.03 24.03
C HIS A 333 -11.06 42.68 23.36
N VAL A 334 -9.95 42.10 22.92
CA VAL A 334 -10.00 40.89 22.11
C VAL A 334 -10.09 39.67 23.00
N SER A 335 -10.76 38.63 22.50
CA SER A 335 -10.82 37.34 23.16
C SER A 335 -10.68 36.24 22.13
N PHE A 336 -10.06 35.13 22.52
CA PHE A 336 -9.85 34.02 21.60
C PHE A 336 -9.60 32.75 22.40
N ARG A 337 -10.02 31.62 21.82
CA ARG A 337 -9.81 30.30 22.39
C ARG A 337 -8.96 29.48 21.43
N TYR A 338 -7.91 28.85 21.95
CA TYR A 338 -7.01 28.04 21.13
C TYR A 338 -7.72 26.79 20.61
N THR A 345 -8.48 31.46 25.47
CA THR A 345 -7.02 31.61 25.49
C THR A 345 -6.67 33.07 25.77
N LEU A 346 -7.31 33.97 25.03
CA LEU A 346 -7.14 35.40 25.21
C LEU A 346 -8.48 36.03 25.57
N LYS A 347 -8.44 37.19 26.22
CA LYS A 347 -9.64 37.87 26.63
C LYS A 347 -9.34 39.33 26.93
N ASP A 348 -10.24 40.21 26.49
CA ASP A 348 -10.20 41.63 26.86
C ASP A 348 -8.85 42.27 26.53
N ILE A 349 -8.28 41.92 25.38
CA ILE A 349 -6.97 42.46 25.02
C ILE A 349 -7.14 43.78 24.29
N SER A 350 -6.40 44.80 24.72
CA SER A 350 -6.46 46.11 24.11
C SER A 350 -5.10 46.79 24.21
N PHE A 351 -4.66 47.36 23.10
CA PHE A 351 -3.44 48.14 23.06
C PHE A 351 -3.33 48.79 21.68
N SER A 352 -2.42 49.75 21.57
CA SER A 352 -2.25 50.49 20.33
C SER A 352 -0.79 50.91 20.16
N ILE A 353 -0.28 50.80 18.94
CA ILE A 353 1.05 51.26 18.59
C ILE A 353 0.97 51.97 17.25
N GLN A 354 1.71 53.06 17.12
CA GLN A 354 1.66 53.94 15.97
C GLN A 354 2.85 53.69 15.06
N PRO A 355 2.84 54.28 13.86
CA PRO A 355 3.95 54.06 12.92
C PRO A 355 5.29 54.47 13.51
N GLY A 356 6.34 53.77 13.11
CA GLY A 356 7.68 54.10 13.54
C GLY A 356 7.94 53.91 15.01
N GLU A 357 7.50 52.80 15.59
CA GLU A 357 7.74 52.50 16.99
C GLU A 357 8.03 51.02 17.16
N MET A 358 8.80 50.68 18.19
CA MET A 358 9.16 49.30 18.49
C MET A 358 8.66 48.97 19.89
N ILE A 359 8.16 47.75 20.06
CA ILE A 359 7.64 47.28 21.35
C ILE A 359 7.89 45.79 21.47
N GLY A 360 8.12 45.35 22.70
CA GLY A 360 8.39 43.95 22.99
C GLY A 360 7.28 43.35 23.84
N ILE A 361 7.13 42.02 23.74
CA ILE A 361 6.10 41.29 24.45
C ILE A 361 6.76 40.14 25.20
N VAL A 362 6.29 39.90 26.43
CA VAL A 362 6.83 38.81 27.26
C VAL A 362 5.70 38.27 28.11
N GLY A 363 5.73 36.96 28.34
CA GLY A 363 4.71 36.32 29.14
C GLY A 363 5.18 34.96 29.60
N ALA A 364 4.32 34.28 30.36
CA ALA A 364 4.67 32.99 30.90
C ALA A 364 4.90 31.98 29.78
N THR A 365 5.87 31.08 30.01
CA THR A 365 6.19 30.06 29.02
C THR A 365 4.96 29.20 28.76
N GLY A 366 4.66 28.98 27.48
CA GLY A 366 3.51 28.19 27.10
C GLY A 366 2.19 28.91 27.23
N ALA A 367 2.18 30.13 27.78
CA ALA A 367 0.96 30.92 27.92
C ALA A 367 0.72 31.69 26.62
N GLY A 368 0.43 30.92 25.57
CA GLY A 368 0.31 31.49 24.24
C GLY A 368 1.58 32.24 23.88
N LYS A 369 2.68 31.49 23.72
CA LYS A 369 3.99 32.12 23.55
C LYS A 369 3.95 33.18 22.46
N SER A 370 3.26 32.88 21.36
CA SER A 370 3.20 33.79 20.23
C SER A 370 1.83 33.92 19.60
N THR A 371 0.78 33.37 20.21
CA THR A 371 -0.53 33.38 19.57
C THR A 371 -1.07 34.80 19.41
N LEU A 372 -0.93 35.63 20.44
CA LEU A 372 -1.46 36.98 20.36
C LEU A 372 -0.84 37.73 19.19
N ALA A 373 0.47 37.62 19.02
CA ALA A 373 1.11 38.19 17.84
C ALA A 373 0.60 37.53 16.57
N GLN A 374 0.40 36.21 16.60
CA GLN A 374 -0.11 35.50 15.44
C GLN A 374 -1.48 36.00 15.02
N LEU A 375 -2.24 36.63 15.91
CA LEU A 375 -3.55 37.15 15.57
C LEU A 375 -3.50 38.33 14.60
N ILE A 376 -2.42 39.12 14.60
CA ILE A 376 -2.33 40.26 13.69
C ILE A 376 -2.48 39.72 12.27
N PRO A 377 -1.78 38.67 11.90
CA PRO A 377 -2.21 37.91 10.71
C PRO A 377 -3.63 37.41 10.90
N ARG A 378 -4.45 37.56 9.87
CA ARG A 378 -5.85 37.15 10.00
C ARG A 378 -6.02 35.64 10.07
N LEU A 379 -4.93 34.87 10.09
CA LEU A 379 -5.05 33.42 10.16
C LEU A 379 -5.85 32.97 11.38
N PHE A 380 -5.88 33.78 12.44
CA PHE A 380 -6.86 33.65 13.50
C PHE A 380 -7.78 34.85 13.49
N ASP A 381 -8.99 34.66 14.03
CA ASP A 381 -9.96 35.74 14.10
C ASP A 381 -10.35 35.99 15.55
N PRO A 382 -10.52 37.26 15.95
CA PRO A 382 -10.93 37.54 17.33
C PRO A 382 -12.37 37.09 17.57
N THR A 383 -12.54 36.13 18.47
CA THR A 383 -13.88 35.67 18.80
C THR A 383 -14.72 36.80 19.38
N GLU A 384 -14.14 37.60 20.28
CA GLU A 384 -14.79 38.78 20.80
C GLU A 384 -13.84 39.96 20.63
N GLY A 385 -14.43 41.15 20.55
CA GLY A 385 -13.61 42.33 20.31
C GLY A 385 -13.14 42.37 18.86
N LYS A 386 -12.10 43.18 18.63
CA LYS A 386 -11.57 43.35 17.29
C LYS A 386 -10.21 44.03 17.38
N ILE A 387 -9.49 44.00 16.26
CA ILE A 387 -8.26 44.75 16.10
C ILE A 387 -8.27 45.43 14.74
N GLU A 388 -7.81 46.67 14.71
CA GLU A 388 -7.66 47.42 13.47
C GLU A 388 -6.19 47.75 13.28
N VAL A 389 -5.62 47.32 12.17
CA VAL A 389 -4.23 47.59 11.83
C VAL A 389 -4.25 48.66 10.74
N GLY A 390 -3.69 49.83 11.06
CA GLY A 390 -3.83 50.96 10.16
C GLY A 390 -5.20 51.58 10.16
N GLY A 391 -5.98 51.35 11.22
CA GLY A 391 -7.32 51.90 11.30
C GLY A 391 -8.37 51.10 10.57
N VAL A 392 -8.05 49.88 10.13
CA VAL A 392 -8.98 49.03 9.40
C VAL A 392 -9.05 47.67 10.08
N ASP A 393 -10.27 47.18 10.30
CA ASP A 393 -10.47 45.95 11.03
C ASP A 393 -10.03 44.74 10.22
N LEU A 394 -9.81 43.63 10.92
CA LEU A 394 -9.49 42.37 10.24
C LEU A 394 -10.62 41.95 9.31
N ARG A 395 -11.87 42.07 9.78
CA ARG A 395 -13.00 41.76 8.93
C ARG A 395 -13.06 42.65 7.70
N GLU A 396 -12.49 43.85 7.78
CA GLU A 396 -12.53 44.80 6.67
C GLU A 396 -11.38 44.64 5.70
N VAL A 397 -10.24 44.13 6.17
CA VAL A 397 -9.04 44.04 5.34
C VAL A 397 -9.12 42.80 4.47
N ASN A 398 -8.31 42.75 3.42
CA ASN A 398 -8.23 41.60 2.52
C ASN A 398 -6.79 41.12 2.45
N GLU A 399 -6.65 39.82 2.21
CA GLU A 399 -5.35 39.17 2.35
C GLU A 399 -4.26 39.83 1.53
N HIS A 400 -4.60 40.37 0.35
CA HIS A 400 -3.59 40.99 -0.50
C HIS A 400 -2.80 42.04 0.26
N SER A 401 -3.50 42.94 0.96
CA SER A 401 -2.83 44.02 1.66
C SER A 401 -1.99 43.49 2.82
N LEU A 402 -2.50 42.50 3.55
CA LEU A 402 -1.77 41.95 4.68
C LEU A 402 -0.38 41.49 4.28
N ARG A 403 -0.32 40.65 3.24
CA ARG A 403 0.97 40.09 2.84
C ARG A 403 1.91 41.17 2.32
N LYS A 404 1.40 42.08 1.50
CA LYS A 404 2.23 43.11 0.89
C LYS A 404 2.54 44.26 1.85
N THR A 405 1.92 44.28 3.03
CA THR A 405 2.18 45.31 4.02
C THR A 405 2.62 44.78 5.37
N VAL A 406 2.39 43.50 5.66
CA VAL A 406 2.71 42.92 6.96
C VAL A 406 3.44 41.59 6.74
N SER A 407 4.21 41.19 7.73
CA SER A 407 4.91 39.92 7.71
C SER A 407 5.02 39.39 9.14
N PHE A 408 5.30 38.10 9.25
CA PHE A 408 5.29 37.45 10.56
C PHE A 408 6.22 36.25 10.50
N VAL A 409 7.36 36.32 11.19
CA VAL A 409 8.24 35.17 11.32
C VAL A 409 7.60 34.18 12.27
N LEU A 410 7.55 32.91 11.86
CA LEU A 410 6.87 31.90 12.66
C LEU A 410 7.67 31.55 13.89
N GLN A 411 7.00 30.88 14.84
CA GLN A 411 7.67 30.41 16.05
C GLN A 411 8.73 29.36 15.73
N LYS A 412 8.68 28.77 14.53
CA LYS A 412 9.61 27.74 14.13
C LYS A 412 10.15 28.07 12.74
N ALA A 413 11.40 27.67 12.48
CA ALA A 413 12.02 27.89 11.19
C ALA A 413 11.59 26.82 10.20
N ILE A 414 11.15 27.25 9.02
CA ILE A 414 10.64 26.36 7.99
C ILE A 414 11.37 26.64 6.69
N LEU A 415 11.82 25.58 6.02
CA LEU A 415 12.46 25.69 4.73
C LEU A 415 11.89 24.62 3.80
N PHE A 416 12.04 24.85 2.49
CA PHE A 416 11.54 23.94 1.47
C PHE A 416 12.68 23.48 0.58
N SER A 417 12.50 22.32 -0.04
CA SER A 417 13.52 21.75 -0.89
C SER A 417 13.89 22.72 -2.00
N GLY A 418 15.02 22.44 -2.65
CA GLY A 418 15.48 23.26 -3.75
C GLY A 418 16.63 24.16 -3.37
N THR A 419 16.58 25.40 -3.81
CA THR A 419 17.62 26.38 -3.50
C THR A 419 17.16 27.31 -2.39
N ILE A 420 18.15 27.87 -1.68
CA ILE A 420 17.83 28.87 -0.66
C ILE A 420 17.31 30.14 -1.31
N ALA A 421 17.70 30.40 -2.55
CA ALA A 421 17.26 31.61 -3.23
C ALA A 421 15.74 31.66 -3.36
N GLN A 422 15.13 30.55 -3.76
CA GLN A 422 13.68 30.54 -3.90
C GLN A 422 12.99 30.68 -2.55
N ASN A 423 13.53 30.01 -1.52
CA ASN A 423 12.95 30.17 -0.18
C ASN A 423 13.01 31.61 0.29
N LEU A 424 14.12 32.29 0.02
CA LEU A 424 14.19 33.72 0.29
C LEU A 424 13.15 34.48 -0.52
N ARG A 425 13.01 34.12 -1.79
CA ARG A 425 12.02 34.78 -2.66
C ARG A 425 10.60 34.53 -2.19
N HIS A 426 10.37 33.55 -1.31
CA HIS A 426 9.05 33.36 -0.75
C HIS A 426 8.42 34.68 -0.33
N GLY A 427 9.19 35.51 0.37
CA GLY A 427 8.67 36.78 0.83
C GLY A 427 8.25 37.71 -0.28
N LYS A 428 9.04 37.81 -1.35
CA LYS A 428 8.71 38.73 -2.45
C LYS A 428 8.93 38.00 -3.76
N ARG A 429 7.95 38.08 -4.65
CA ARG A 429 8.03 37.35 -5.91
C ARG A 429 9.19 37.81 -6.77
N ASP A 430 9.40 39.13 -6.87
CA ASP A 430 10.35 39.69 -7.81
C ASP A 430 11.59 40.25 -7.13
N ALA A 431 11.89 39.81 -5.90
CA ALA A 431 13.07 40.31 -5.21
C ALA A 431 14.32 39.95 -6.00
N SER A 432 14.97 40.96 -6.55
CA SER A 432 16.22 40.74 -7.26
C SER A 432 17.29 40.24 -6.29
N GLU A 433 18.43 39.84 -6.86
CA GLU A 433 19.54 39.42 -6.01
C GLU A 433 19.98 40.54 -5.08
N ALA A 434 20.08 41.77 -5.59
CA ALA A 434 20.58 42.87 -4.78
C ALA A 434 19.81 42.99 -3.47
N ASP A 435 18.48 43.05 -3.55
CA ASP A 435 17.68 43.06 -2.34
C ASP A 435 17.92 41.80 -1.53
N MET A 436 18.27 40.70 -2.21
CA MET A 436 18.50 39.45 -1.51
C MET A 436 19.68 39.58 -0.56
N GLU A 437 20.83 40.08 -1.04
CA GLU A 437 21.95 40.21 -0.13
C GLU A 437 21.76 41.39 0.82
N ARG A 438 20.95 42.38 0.44
CA ARG A 438 20.60 43.41 1.43
C ARG A 438 19.91 42.77 2.63
N ALA A 439 18.92 41.92 2.38
CA ALA A 439 18.25 41.22 3.47
C ALA A 439 19.21 40.31 4.22
N SER A 440 20.09 39.63 3.48
CA SER A 440 21.06 38.75 4.14
C SER A 440 21.95 39.53 5.09
N GLY A 441 22.49 40.66 4.64
CA GLY A 441 23.30 41.49 5.50
C GLY A 441 22.53 42.03 6.68
N ILE A 442 21.26 42.38 6.47
CA ILE A 442 20.41 42.76 7.59
C ILE A 442 20.36 41.63 8.60
N ALA A 443 20.27 40.39 8.13
CA ALA A 443 20.35 39.22 8.98
C ALA A 443 21.78 38.72 9.17
N GLN A 444 22.75 39.35 8.52
CA GLN A 444 24.16 39.00 8.65
C GLN A 444 24.39 37.55 8.22
N ALA A 445 24.04 37.28 6.97
CA ALA A 445 24.21 35.96 6.37
C ALA A 445 24.96 35.97 5.05
N LYS A 446 25.44 37.14 4.60
CA LYS A 446 26.06 37.20 3.28
C LYS A 446 27.27 36.27 3.19
N GLU A 447 28.21 36.41 4.14
CA GLU A 447 29.41 35.57 4.11
C GLU A 447 29.06 34.11 4.34
N PHE A 448 28.13 33.83 5.26
CA PHE A 448 27.77 32.45 5.55
C PHE A 448 27.23 31.78 4.29
N ILE A 449 26.35 32.46 3.57
CA ILE A 449 25.83 31.91 2.33
C ILE A 449 26.94 31.80 1.30
N GLU A 450 27.83 32.81 1.23
CA GLU A 450 28.95 32.73 0.31
C GLU A 450 29.78 31.48 0.53
N LYS A 451 29.84 31.00 1.77
CA LYS A 451 30.61 29.80 2.06
C LYS A 451 30.03 28.56 1.40
N LEU A 452 28.79 28.63 0.90
CA LEU A 452 28.14 27.46 0.32
C LEU A 452 28.66 27.22 -1.10
N ALA A 453 28.16 26.14 -1.70
CA ALA A 453 28.63 25.74 -3.02
C ALA A 453 28.47 26.85 -4.05
N GLU A 454 27.28 27.42 -4.18
CA GLU A 454 27.04 28.57 -5.05
C GLU A 454 26.76 29.84 -4.27
N GLY A 455 26.03 29.74 -3.16
CA GLY A 455 25.58 30.90 -2.43
C GLY A 455 24.08 30.91 -2.28
N TYR A 456 23.42 31.93 -2.82
CA TYR A 456 21.99 32.07 -2.62
C TYR A 456 21.22 30.98 -3.35
N ASP A 457 21.73 30.54 -4.50
CA ASP A 457 21.11 29.46 -5.25
C ASP A 457 21.54 28.08 -4.76
N ALA A 458 22.44 28.02 -3.79
CA ALA A 458 22.90 26.73 -3.28
C ALA A 458 21.69 25.88 -2.87
N PRO A 459 21.86 24.55 -2.85
CA PRO A 459 20.71 23.68 -2.55
C PRO A 459 20.39 23.62 -1.06
N VAL A 460 19.19 23.14 -0.79
CA VAL A 460 18.73 22.89 0.58
C VAL A 460 17.95 21.60 0.59
N GLU A 461 18.12 20.82 1.65
CA GLU A 461 17.42 19.55 1.77
C GLU A 461 15.93 19.77 1.98
N GLU A 462 15.16 18.72 1.70
CA GLU A 462 13.71 18.80 1.89
C GLU A 462 13.37 19.10 3.34
N ARG A 463 14.05 18.44 4.27
CA ARG A 463 13.89 18.71 5.69
C ARG A 463 14.85 19.79 6.19
N SER A 464 15.72 20.30 5.32
CA SER A 464 16.71 21.32 5.67
C SER A 464 17.72 20.80 6.68
N ASN A 465 18.11 19.53 6.56
CA ASN A 465 19.04 18.94 7.53
C ASN A 465 20.50 19.26 7.23
N ASN A 466 20.80 19.92 6.12
CA ASN A 466 22.17 20.29 5.81
C ASN A 466 22.55 21.66 6.36
N PHE A 467 21.67 22.31 7.12
CA PHE A 467 21.99 23.52 7.85
C PHE A 467 21.49 23.40 9.28
N SER A 468 22.22 24.01 10.21
CA SER A 468 21.85 23.94 11.62
C SER A 468 20.84 25.03 11.96
N GLY A 469 20.44 25.04 13.23
CA GLY A 469 19.31 25.86 13.65
C GLY A 469 19.56 27.35 13.54
N GLY A 470 20.76 27.80 13.91
CA GLY A 470 21.03 29.22 13.92
C GLY A 470 20.88 29.86 12.55
N GLN A 471 21.55 29.30 11.55
CA GLN A 471 21.39 29.81 10.20
C GLN A 471 19.97 29.59 9.69
N LYS A 472 19.26 28.61 10.23
CA LYS A 472 17.85 28.45 9.89
C LYS A 472 17.05 29.67 10.36
N GLN A 473 17.26 30.09 11.59
CA GLN A 473 16.62 31.31 12.08
C GLN A 473 17.02 32.50 11.23
N ARG A 474 18.30 32.57 10.86
CA ARG A 474 18.76 33.68 10.04
C ARG A 474 18.05 33.71 8.69
N LEU A 475 17.93 32.55 8.04
CA LEU A 475 17.21 32.48 6.78
C LEU A 475 15.76 32.91 6.95
N SER A 476 15.14 32.45 8.04
CA SER A 476 13.76 32.82 8.29
C SER A 476 13.60 34.33 8.44
N ILE A 477 14.50 34.97 9.19
CA ILE A 477 14.35 36.41 9.39
C ILE A 477 14.63 37.15 8.08
N THR A 478 15.59 36.67 7.29
CA THR A 478 15.78 37.24 5.96
C THR A 478 14.48 37.17 5.16
N ARG A 479 13.87 35.99 5.10
CA ARG A 479 12.60 35.85 4.40
C ARG A 479 11.59 36.85 4.93
N GLY A 480 11.60 37.07 6.25
CA GLY A 480 10.65 38.01 6.83
C GLY A 480 10.90 39.44 6.37
N VAL A 481 12.16 39.84 6.26
CA VAL A 481 12.49 41.24 5.98
C VAL A 481 12.61 41.53 4.49
N ILE A 482 12.64 40.51 3.63
CA ILE A 482 12.91 40.75 2.22
C ILE A 482 11.87 41.70 1.63
N GLY A 483 10.61 41.53 2.02
CA GLY A 483 9.56 42.39 1.48
C GLY A 483 9.58 43.81 2.02
N GLU A 484 10.39 44.08 3.04
CA GLU A 484 10.44 45.39 3.69
C GLU A 484 9.02 45.87 4.03
N PRO A 485 8.21 45.03 4.67
CA PRO A 485 6.84 45.43 4.98
C PRO A 485 6.80 46.51 6.05
N LYS A 486 5.70 47.26 6.06
CA LYS A 486 5.53 48.29 7.08
C LYS A 486 5.54 47.67 8.48
N ILE A 487 4.90 46.50 8.63
CA ILE A 487 4.80 45.83 9.91
C ILE A 487 5.58 44.54 9.86
N LEU A 488 6.48 44.36 10.82
CA LEU A 488 7.25 43.13 10.98
C LEU A 488 7.02 42.58 12.38
N ILE A 489 6.79 41.28 12.47
CA ILE A 489 6.61 40.60 13.75
C ILE A 489 7.82 39.70 13.97
N LEU A 490 8.50 39.90 15.09
CA LEU A 490 9.73 39.19 15.42
C LEU A 490 9.43 38.32 16.64
N ASP A 491 9.60 37.01 16.48
CA ASP A 491 9.22 36.08 17.53
C ASP A 491 10.42 35.24 17.97
N ASP A 492 11.09 35.68 19.02
CA ASP A 492 12.16 34.92 19.67
C ASP A 492 13.10 34.26 18.68
N SER A 493 13.39 34.92 17.56
CA SER A 493 14.29 34.35 16.58
C SER A 493 15.72 34.25 17.08
N THR A 494 16.03 34.88 18.21
CA THR A 494 17.39 34.88 18.73
C THR A 494 17.63 33.78 19.76
N SER A 495 16.68 32.87 19.96
CA SER A 495 16.73 31.92 21.06
C SER A 495 17.50 30.65 20.74
N ALA A 496 18.05 30.53 19.52
CA ALA A 496 18.80 29.33 19.17
C ALA A 496 20.20 29.60 18.62
N LEU A 497 20.41 30.64 17.82
CA LEU A 497 21.73 30.86 17.23
C LEU A 497 22.74 31.24 18.31
N ASP A 498 23.98 31.41 17.89
CA ASP A 498 25.04 31.77 18.81
C ASP A 498 24.79 33.16 19.39
N ALA A 499 25.24 33.36 20.62
CA ALA A 499 25.06 34.64 21.29
C ALA A 499 26.12 35.64 20.84
N ARG A 500 26.27 35.79 19.54
CA ARG A 500 27.22 36.72 18.93
C ARG A 500 26.57 37.67 17.95
N SER A 501 25.48 37.25 17.30
CA SER A 501 24.85 38.04 16.26
C SER A 501 23.50 38.60 16.65
N GLU A 502 23.03 38.35 17.88
CA GLU A 502 21.80 38.98 18.34
C GLU A 502 21.95 40.49 18.35
N ARG A 503 23.09 40.98 18.84
CA ARG A 503 23.37 42.40 18.80
C ARG A 503 23.38 42.93 17.38
N LEU A 504 23.98 42.16 16.46
CA LEU A 504 24.07 42.62 15.08
C LEU A 504 22.70 42.70 14.43
N VAL A 505 21.86 41.69 14.64
CA VAL A 505 20.53 41.69 14.03
C VAL A 505 19.68 42.81 14.60
N ARG A 506 19.72 43.01 15.92
CA ARG A 506 18.94 44.10 16.50
C ARG A 506 19.45 45.45 16.02
N GLU A 507 20.77 45.58 15.88
CA GLU A 507 21.33 46.84 15.38
C GLU A 507 20.91 47.12 13.95
N ALA A 508 20.96 46.10 13.09
CA ALA A 508 20.53 46.30 11.70
C ALA A 508 19.06 46.70 11.64
N LEU A 509 18.23 46.05 12.46
CA LEU A 509 16.83 46.48 12.55
C LEU A 509 16.74 47.93 13.00
N ASP A 510 17.74 48.40 13.75
CA ASP A 510 17.72 49.76 14.29
C ASP A 510 18.17 50.81 13.28
N LYS A 511 18.36 50.44 12.01
CA LYS A 511 18.71 51.42 10.98
C LYS A 511 17.74 51.33 9.80
N GLU A 512 17.16 50.15 9.59
CA GLU A 512 16.10 49.99 8.61
C GLU A 512 14.73 50.31 9.18
N LEU A 513 14.65 50.73 10.44
CA LEU A 513 13.39 50.92 11.13
C LEU A 513 12.55 52.04 10.52
N LYS A 514 13.16 52.85 9.65
CA LYS A 514 12.46 54.00 9.08
C LYS A 514 11.12 53.56 8.50
N GLU A 515 10.06 54.26 8.89
CA GLU A 515 8.71 53.95 8.44
C GLU A 515 8.37 52.49 8.69
N THR A 516 8.79 51.97 9.84
CA THR A 516 8.53 50.58 10.22
C THR A 516 8.14 50.51 11.70
N THR A 517 7.17 49.66 11.99
CA THR A 517 6.76 49.34 13.35
C THR A 517 6.76 47.83 13.50
N THR A 518 7.41 47.34 14.55
CA THR A 518 7.61 45.91 14.72
C THR A 518 7.20 45.47 16.12
N ILE A 519 6.73 44.24 16.22
CA ILE A 519 6.38 43.62 17.49
C ILE A 519 7.41 42.53 17.75
N VAL A 520 7.95 42.50 18.97
CA VAL A 520 8.99 41.55 19.35
C VAL A 520 8.47 40.68 20.48
N ILE A 521 8.59 39.37 20.32
CA ILE A 521 8.12 38.40 21.30
C ILE A 521 9.28 37.50 21.67
N ALA A 522 9.52 37.34 22.97
CA ALA A 522 10.55 36.43 23.45
C ALA A 522 10.48 36.35 24.96
N GLN A 523 10.95 35.23 25.50
CA GLN A 523 11.09 35.10 26.94
C GLN A 523 12.37 35.78 27.42
N LYS A 524 13.26 36.14 26.51
CA LYS A 524 14.53 36.76 26.85
C LYS A 524 14.35 38.28 26.84
N ILE A 525 14.24 38.87 28.03
CA ILE A 525 14.16 40.32 28.13
C ILE A 525 15.42 40.97 27.58
N SER A 526 16.54 40.23 27.58
CA SER A 526 17.79 40.78 27.10
C SER A 526 17.63 41.37 25.70
N SER A 527 17.02 40.63 24.78
CA SER A 527 16.79 41.14 23.44
C SER A 527 15.71 42.22 23.41
N VAL A 528 14.90 42.32 24.46
CA VAL A 528 13.79 43.27 24.47
C VAL A 528 14.17 44.63 25.04
N VAL A 529 15.27 44.69 25.80
CA VAL A 529 15.64 45.94 26.46
C VAL A 529 15.76 47.09 25.46
N HIS A 530 16.12 46.79 24.22
CA HIS A 530 16.22 47.83 23.20
C HIS A 530 14.86 48.33 22.73
N ALA A 531 13.78 47.66 23.10
CA ALA A 531 12.45 48.08 22.68
C ALA A 531 12.07 49.40 23.32
N ASP A 532 11.38 50.24 22.55
CA ASP A 532 10.91 51.52 23.07
C ASP A 532 9.81 51.34 24.10
N ARG A 533 8.89 50.41 23.85
CA ARG A 533 7.81 50.12 24.78
C ARG A 533 7.78 48.62 25.01
N ILE A 534 6.98 48.18 25.98
CA ILE A 534 6.83 46.77 26.27
C ILE A 534 5.43 46.51 26.84
N LEU A 535 4.87 45.37 26.45
CA LEU A 535 3.61 44.88 26.99
C LEU A 535 3.85 43.52 27.62
N VAL A 536 3.09 43.21 28.66
CA VAL A 536 3.25 41.97 29.43
C VAL A 536 1.92 41.24 29.50
N LEU A 537 1.97 39.93 29.33
CA LEU A 537 0.78 39.08 29.33
C LEU A 537 1.03 37.90 30.26
N ASP A 538 -0.06 37.33 30.77
CA ASP A 538 0.01 36.17 31.64
C ASP A 538 -1.27 35.34 31.51
N ASN A 539 -1.18 34.25 30.75
CA ASN A 539 -2.27 33.28 30.65
C ASN A 539 -3.58 33.95 30.24
N GLY A 540 -3.55 34.68 29.13
CA GLY A 540 -4.74 35.26 28.56
C GLY A 540 -5.15 36.60 29.14
N ARG A 541 -4.44 37.10 30.15
CA ARG A 541 -4.75 38.39 30.76
C ARG A 541 -3.59 39.34 30.51
N LEU A 542 -3.89 40.50 29.92
CA LEU A 542 -2.88 41.52 29.71
C LEU A 542 -2.48 42.10 31.06
N VAL A 543 -1.18 42.20 31.31
CA VAL A 543 -0.69 42.66 32.61
C VAL A 543 -0.63 44.18 32.63
N GLY A 544 0.04 44.77 31.65
CA GLY A 544 0.15 46.22 31.59
C GLY A 544 1.02 46.64 30.42
N GLU A 545 1.18 47.96 30.32
CA GLU A 545 1.96 48.57 29.25
C GLU A 545 2.93 49.57 29.85
N GLY A 546 4.10 49.71 29.23
CA GLY A 546 5.11 50.64 29.71
C GLY A 546 6.48 50.38 29.11
N THR A 547 7.53 50.61 29.89
CA THR A 547 8.89 50.46 29.42
C THR A 547 9.70 49.64 30.41
N HIS A 548 10.89 49.24 29.98
CA HIS A 548 11.73 48.34 30.77
C HIS A 548 11.99 48.89 32.16
N GLU A 549 12.48 50.13 32.25
CA GLU A 549 12.75 50.73 33.55
C GLU A 549 11.50 50.95 34.37
N GLU A 550 10.40 51.37 33.73
CA GLU A 550 9.16 51.60 34.44
C GLU A 550 8.58 50.30 34.99
N LEU A 551 8.57 49.25 34.16
CA LEU A 551 8.10 47.94 34.61
C LEU A 551 9.09 47.29 35.57
N ALA A 552 10.30 47.83 35.68
CA ALA A 552 11.28 47.31 36.64
C ALA A 552 10.76 47.43 38.07
N ALA A 553 9.77 48.29 38.29
CA ALA A 553 9.21 48.47 39.61
C ALA A 553 7.69 48.45 39.59
N THR A 554 7.08 48.72 38.43
CA THR A 554 5.63 48.86 38.37
C THR A 554 4.92 47.52 38.54
N ASN A 555 5.41 46.45 37.93
CA ASN A 555 4.70 45.17 37.93
C ASN A 555 5.54 44.09 38.59
N PRO A 556 4.90 43.15 39.30
CA PRO A 556 5.68 42.07 39.92
C PRO A 556 6.16 41.05 38.93
N VAL A 557 5.38 40.78 37.88
CA VAL A 557 5.75 39.75 36.93
C VAL A 557 7.11 40.04 36.30
N TYR A 558 7.45 41.32 36.16
CA TYR A 558 8.72 41.70 35.57
C TYR A 558 9.89 41.03 36.29
N GLN A 559 9.90 41.10 37.62
CA GLN A 559 11.11 40.78 38.37
C GLN A 559 11.49 39.31 38.26
N GLU A 560 10.51 38.41 38.35
CA GLU A 560 10.86 36.98 38.42
C GLU A 560 11.30 36.44 37.08
N ILE A 561 11.40 37.29 36.06
CA ILE A 561 12.06 36.92 34.81
C ILE A 561 13.33 37.75 34.70
N TYR A 562 13.26 39.00 35.18
CA TYR A 562 14.39 39.91 35.06
C TYR A 562 15.60 39.42 35.85
N GLU A 563 15.37 38.73 36.97
CA GLU A 563 16.49 38.28 37.80
C GLU A 563 17.38 37.31 37.04
N THR A 564 16.78 36.47 36.21
CA THR A 564 17.52 35.44 35.48
C THR A 564 18.70 36.02 34.72
N THR B 2 21.64 -14.92 -9.40
CA THR B 2 22.07 -15.19 -8.00
C THR B 2 20.98 -14.82 -7.00
N ASP B 3 20.19 -13.80 -7.34
CA ASP B 3 19.14 -13.35 -6.45
C ASP B 3 18.17 -14.50 -6.13
N LEU B 4 17.83 -15.29 -7.15
CA LEU B 4 16.94 -16.42 -6.90
C LEU B 4 17.54 -17.38 -5.88
N ILE B 5 18.84 -17.66 -6.00
CA ILE B 5 19.48 -18.58 -5.07
C ILE B 5 19.50 -17.98 -3.67
N LYS B 6 19.79 -16.69 -3.56
CA LYS B 6 19.80 -16.05 -2.25
C LYS B 6 18.41 -16.13 -1.60
N ALA B 7 17.36 -15.83 -2.36
CA ALA B 7 16.02 -15.89 -1.81
C ALA B 7 15.65 -17.32 -1.43
N SER B 8 16.04 -18.29 -2.26
CA SER B 8 15.76 -19.68 -1.93
C SER B 8 16.47 -20.07 -0.64
N LYS B 9 17.71 -19.62 -0.46
CA LYS B 9 18.40 -19.89 0.81
C LYS B 9 17.68 -19.23 1.97
N PHE B 10 17.20 -18.00 1.76
CA PHE B 10 16.43 -17.34 2.82
C PHE B 10 15.24 -18.18 3.24
N PHE B 11 14.43 -18.60 2.28
CA PHE B 11 13.28 -19.43 2.61
C PHE B 11 13.72 -20.72 3.29
N TYR B 12 14.72 -21.40 2.70
CA TYR B 12 15.21 -22.66 3.23
C TYR B 12 15.57 -22.54 4.70
N HIS B 13 16.24 -21.45 5.07
CA HIS B 13 16.73 -21.30 6.44
C HIS B 13 15.60 -21.43 7.46
N TYR B 14 14.38 -21.07 7.08
CA TYR B 14 13.26 -21.15 8.01
C TYR B 14 12.40 -22.37 7.74
N LEU B 15 12.21 -22.73 6.47
CA LEU B 15 11.38 -23.88 6.16
C LEU B 15 12.02 -25.19 6.60
N LYS B 16 13.32 -25.18 6.91
CA LYS B 16 13.96 -26.40 7.40
C LYS B 16 13.23 -26.95 8.62
N ARG B 17 12.77 -26.07 9.50
CA ARG B 17 12.19 -26.52 10.77
C ARG B 17 10.75 -27.03 10.62
N TYR B 18 10.28 -27.27 9.39
CA TYR B 18 8.95 -27.80 9.16
C TYR B 18 8.96 -28.88 8.07
N LYS B 19 10.05 -29.62 7.96
CA LYS B 19 10.32 -30.43 6.78
C LYS B 19 9.26 -31.49 6.56
N VAL B 20 8.89 -32.21 7.62
CA VAL B 20 7.98 -33.34 7.44
C VAL B 20 6.63 -32.86 6.93
N SER B 21 6.10 -31.79 7.52
CA SER B 21 4.81 -31.27 7.06
C SER B 21 4.92 -30.69 5.66
N PHE B 22 6.00 -29.96 5.39
CA PHE B 22 6.15 -29.36 4.07
C PHE B 22 6.30 -30.42 3.00
N LEU B 23 6.74 -31.63 3.39
CA LEU B 23 6.82 -32.72 2.43
C LEU B 23 5.49 -33.45 2.30
N PHE B 24 4.76 -33.59 3.41
CA PHE B 24 3.46 -34.25 3.35
C PHE B 24 2.48 -33.45 2.53
N ILE B 25 2.55 -32.12 2.60
CA ILE B 25 1.67 -31.30 1.78
C ILE B 25 1.92 -31.54 0.30
N PHE B 26 3.15 -31.89 -0.08
CA PHE B 26 3.41 -32.20 -1.48
C PHE B 26 2.61 -33.41 -1.93
N LEU B 27 2.60 -34.47 -1.13
CA LEU B 27 1.79 -35.64 -1.47
C LEU B 27 0.31 -35.25 -1.51
N ALA B 28 -0.12 -34.45 -0.54
CA ALA B 28 -1.52 -34.04 -0.52
C ALA B 28 -1.90 -33.33 -1.81
N ILE B 29 -1.09 -32.34 -2.22
CA ILE B 29 -1.41 -31.58 -3.41
C ILE B 29 -1.30 -32.46 -4.65
N PHE B 30 -0.35 -33.39 -4.68
CA PHE B 30 -0.25 -34.30 -5.81
C PHE B 30 -1.53 -35.10 -5.97
N ALA B 31 -2.03 -35.67 -4.88
CA ALA B 31 -3.28 -36.41 -4.93
C ALA B 31 -4.44 -35.52 -5.34
N ALA B 32 -4.48 -34.31 -4.79
CA ALA B 32 -5.56 -33.38 -5.11
C ALA B 32 -5.58 -33.08 -6.60
N THR B 33 -4.43 -32.73 -7.16
CA THR B 33 -4.35 -32.41 -8.58
C THR B 33 -4.70 -33.62 -9.43
N TYR B 34 -4.18 -34.79 -9.08
CA TYR B 34 -4.54 -35.99 -9.82
C TYR B 34 -6.04 -36.15 -9.87
N LEU B 35 -6.69 -36.05 -8.73
CA LEU B 35 -8.13 -36.27 -8.67
C LEU B 35 -8.87 -35.19 -9.46
N GLN B 36 -8.43 -33.94 -9.34
CA GLN B 36 -9.06 -32.85 -10.07
C GLN B 36 -8.83 -32.97 -11.57
N VAL B 37 -7.83 -33.75 -11.98
CA VAL B 37 -7.46 -33.77 -13.38
C VAL B 37 -8.14 -34.91 -14.12
N LYS B 38 -8.49 -35.99 -13.42
CA LYS B 38 -9.27 -37.05 -14.04
C LYS B 38 -10.76 -36.77 -14.01
N ALA B 39 -11.19 -35.79 -13.23
CA ALA B 39 -12.62 -35.44 -13.18
C ALA B 39 -13.19 -35.15 -14.56
N PRO B 40 -12.53 -34.37 -15.42
CA PRO B 40 -13.09 -34.15 -16.76
C PRO B 40 -13.29 -35.45 -17.52
N GLN B 41 -12.36 -36.39 -17.34
CA GLN B 41 -12.53 -37.70 -17.98
C GLN B 41 -13.85 -38.31 -17.56
N PHE B 42 -14.16 -38.27 -16.27
CA PHE B 42 -15.35 -38.94 -15.78
C PHE B 42 -16.61 -38.19 -16.19
N VAL B 43 -16.57 -36.85 -16.22
CA VAL B 43 -17.75 -36.13 -16.68
C VAL B 43 -17.99 -36.40 -18.16
N GLY B 44 -16.91 -36.47 -18.95
CA GLY B 44 -17.07 -36.78 -20.35
C GLY B 44 -17.65 -38.16 -20.56
N GLU B 45 -17.12 -39.16 -19.84
CA GLU B 45 -17.68 -40.50 -19.92
C GLU B 45 -19.12 -40.50 -19.46
N ALA B 46 -19.45 -39.68 -18.47
CA ALA B 46 -20.81 -39.63 -17.95
C ALA B 46 -21.77 -39.10 -19.00
N ILE B 47 -21.39 -38.02 -19.69
CA ILE B 47 -22.27 -37.50 -20.74
C ILE B 47 -22.33 -38.47 -21.90
N GLN B 48 -21.24 -39.17 -22.20
CA GLN B 48 -21.27 -40.20 -23.22
C GLN B 48 -22.29 -41.27 -22.86
N GLU B 49 -22.24 -41.76 -21.62
CA GLU B 49 -23.17 -42.78 -21.20
C GLU B 49 -24.59 -42.24 -21.11
N LEU B 50 -24.75 -40.94 -20.85
CA LEU B 50 -26.08 -40.34 -20.89
C LEU B 50 -26.63 -40.35 -22.30
N ALA B 51 -25.80 -40.05 -23.29
CA ALA B 51 -26.24 -40.16 -24.68
C ALA B 51 -26.58 -41.60 -25.01
N LYS B 52 -25.78 -42.55 -24.51
CA LYS B 52 -26.08 -43.96 -24.71
C LYS B 52 -27.42 -44.32 -24.09
N TYR B 53 -27.67 -43.83 -22.89
CA TYR B 53 -28.94 -44.07 -22.22
C TYR B 53 -30.09 -43.50 -23.04
N ALA B 54 -29.88 -42.31 -23.61
CA ALA B 54 -30.91 -41.71 -24.45
C ALA B 54 -31.21 -42.58 -25.66
N VAL B 55 -30.16 -43.00 -26.38
CA VAL B 55 -30.38 -43.78 -27.59
C VAL B 55 -31.06 -45.10 -27.23
N ASN B 56 -30.69 -45.70 -26.10
CA ASN B 56 -31.41 -46.88 -25.65
C ASN B 56 -32.86 -46.54 -25.34
N VAL B 57 -33.12 -45.38 -24.74
CA VAL B 57 -34.48 -44.96 -24.46
C VAL B 57 -35.27 -44.86 -25.74
N MET B 58 -34.59 -44.58 -26.86
CA MET B 58 -35.30 -44.48 -28.13
C MET B 58 -35.97 -45.80 -28.48
N GLN B 59 -35.33 -46.93 -28.17
CA GLN B 59 -35.92 -48.23 -28.43
C GLN B 59 -35.89 -49.15 -27.21
N GLY B 60 -34.83 -49.12 -26.41
CA GLY B 60 -34.63 -50.09 -25.35
C GLY B 60 -34.99 -49.65 -23.95
N LYS B 61 -34.88 -48.37 -23.62
CA LYS B 61 -35.18 -47.90 -22.27
C LYS B 61 -34.31 -48.62 -21.25
N ASP B 62 -32.99 -48.42 -21.35
CA ASP B 62 -32.06 -49.10 -20.48
C ASP B 62 -32.26 -48.68 -19.03
N ASP B 63 -31.54 -49.36 -18.14
CA ASP B 63 -31.60 -49.07 -16.70
C ASP B 63 -30.60 -48.02 -16.26
N LYS B 64 -29.90 -47.38 -17.20
CA LYS B 64 -28.93 -46.33 -16.89
C LYS B 64 -27.95 -46.77 -15.79
N SER B 65 -27.77 -48.08 -15.64
CA SER B 65 -26.94 -48.58 -14.55
C SER B 65 -25.50 -48.11 -14.71
N ALA B 66 -24.95 -48.22 -15.92
CA ALA B 66 -23.58 -47.76 -16.15
C ALA B 66 -23.47 -46.26 -15.93
N PHE B 67 -24.46 -45.51 -16.42
CA PHE B 67 -24.46 -44.08 -16.20
C PHE B 67 -24.49 -43.76 -14.70
N VAL B 68 -25.34 -44.46 -13.95
CA VAL B 68 -25.42 -44.22 -12.52
C VAL B 68 -24.08 -44.53 -11.85
N SER B 69 -23.45 -45.62 -12.27
CA SER B 69 -22.16 -45.99 -11.67
C SER B 69 -21.11 -44.92 -11.95
N VAL B 70 -21.05 -44.41 -13.17
CA VAL B 70 -20.04 -43.40 -13.48
C VAL B 70 -20.33 -42.11 -12.73
N ILE B 71 -21.60 -41.75 -12.58
CA ILE B 71 -21.94 -40.59 -11.78
C ILE B 71 -21.51 -40.80 -10.33
N TRP B 72 -21.72 -42.01 -9.82
CA TRP B 72 -21.23 -42.33 -8.48
C TRP B 72 -19.74 -42.08 -8.37
N LYS B 73 -18.97 -42.61 -9.33
CA LYS B 73 -17.53 -42.42 -9.31
C LYS B 73 -17.18 -40.93 -9.30
N LEU B 74 -17.81 -40.17 -10.19
CA LEU B 74 -17.47 -38.76 -10.33
C LEU B 74 -17.80 -37.99 -9.06
N LEU B 75 -18.96 -38.26 -8.46
CA LEU B 75 -19.36 -37.55 -7.25
C LEU B 75 -18.41 -37.88 -6.11
N ILE B 76 -18.08 -39.16 -5.93
CA ILE B 76 -17.15 -39.54 -4.88
C ILE B 76 -15.80 -38.85 -5.09
N PHE B 77 -15.33 -38.81 -6.34
CA PHE B 77 -14.04 -38.19 -6.62
C PHE B 77 -14.09 -36.69 -6.31
N TYR B 78 -15.18 -36.03 -6.64
CA TYR B 78 -15.27 -34.60 -6.36
C TYR B 78 -15.28 -34.35 -4.87
N VAL B 79 -16.00 -35.17 -4.11
CA VAL B 79 -16.02 -35.00 -2.66
C VAL B 79 -14.62 -35.20 -2.09
N LEU B 80 -13.92 -36.24 -2.55
CA LEU B 80 -12.57 -36.47 -2.03
C LEU B 80 -11.64 -35.35 -2.47
N THR B 81 -11.90 -34.74 -3.63
CA THR B 81 -11.13 -33.56 -4.03
C THR B 81 -11.33 -32.43 -3.04
N SER B 82 -12.57 -32.20 -2.64
CA SER B 82 -12.83 -31.19 -1.63
C SER B 82 -12.09 -31.51 -0.34
N ALA B 83 -12.08 -32.79 0.04
CA ALA B 83 -11.38 -33.19 1.25
C ALA B 83 -9.88 -32.92 1.14
N ALA B 84 -9.29 -33.23 -0.02
CA ALA B 84 -7.87 -32.98 -0.21
C ALA B 84 -7.57 -31.50 -0.12
N SER B 85 -8.40 -30.68 -0.75
CA SER B 85 -8.23 -29.23 -0.63
C SER B 85 -8.29 -28.82 0.84
N PHE B 86 -9.32 -29.27 1.55
CA PHE B 86 -9.42 -29.02 2.98
C PHE B 86 -8.08 -29.29 3.67
N ILE B 87 -7.57 -30.52 3.52
CA ILE B 87 -6.43 -30.93 4.33
C ILE B 87 -5.18 -30.13 3.96
N TYR B 88 -4.85 -30.04 2.67
CA TYR B 88 -3.58 -29.40 2.36
C TYR B 88 -3.67 -27.90 2.59
N SER B 89 -4.82 -27.29 2.29
CA SER B 89 -4.97 -25.87 2.61
C SER B 89 -4.75 -25.62 4.09
N ILE B 90 -5.38 -26.43 4.96
CA ILE B 90 -5.24 -26.19 6.40
C ILE B 90 -3.78 -26.34 6.82
N LEU B 91 -3.15 -27.44 6.41
CA LEU B 91 -1.78 -27.69 6.87
C LEU B 91 -0.82 -26.62 6.34
N PHE B 92 -0.99 -26.23 5.08
CA PHE B 92 -0.15 -25.19 4.52
C PHE B 92 -0.34 -23.89 5.26
N THR B 93 -1.58 -23.53 5.58
CA THR B 93 -1.81 -22.30 6.32
C THR B 93 -1.13 -22.35 7.68
N GLN B 94 -1.24 -23.48 8.38
CA GLN B 94 -0.61 -23.58 9.69
C GLN B 94 0.89 -23.42 9.59
N VAL B 95 1.52 -24.13 8.65
CA VAL B 95 2.97 -24.06 8.53
C VAL B 95 3.39 -22.66 8.10
N VAL B 96 2.64 -22.04 7.20
CA VAL B 96 2.97 -20.68 6.77
C VAL B 96 2.89 -19.73 7.95
N GLY B 97 1.86 -19.85 8.78
CA GLY B 97 1.73 -18.96 9.91
C GLY B 97 2.91 -19.11 10.86
N LYS B 98 3.24 -20.35 11.20
CA LYS B 98 4.34 -20.57 12.14
C LYS B 98 5.66 -20.08 11.54
N SER B 99 5.90 -20.38 10.26
CA SER B 99 7.14 -19.97 9.62
C SER B 99 7.23 -18.45 9.53
N THR B 100 6.12 -17.79 9.21
CA THR B 100 6.10 -16.34 9.15
C THR B 100 6.42 -15.74 10.50
N ASN B 101 5.83 -16.29 11.56
CA ASN B 101 6.17 -15.82 12.90
C ASN B 101 7.65 -15.99 13.16
N ARG B 102 8.20 -17.14 12.80
CA ARG B 102 9.61 -17.41 13.06
C ARG B 102 10.51 -16.43 12.30
N MET B 103 10.21 -16.18 11.03
CA MET B 103 11.09 -15.29 10.29
C MET B 103 10.89 -13.83 10.68
N ARG B 104 9.69 -13.45 11.12
CA ARG B 104 9.51 -12.09 11.63
C ARG B 104 10.32 -11.89 12.90
N ILE B 105 10.22 -12.82 13.85
CA ILE B 105 11.05 -12.71 15.05
C ILE B 105 12.52 -12.76 14.68
N GLY B 106 12.87 -13.51 13.63
CA GLY B 106 14.25 -13.58 13.20
C GLY B 106 14.77 -12.24 12.72
N LEU B 107 13.98 -11.57 11.87
CA LEU B 107 14.37 -10.25 11.40
C LEU B 107 14.53 -9.31 12.58
N PHE B 108 13.57 -9.33 13.50
CA PHE B 108 13.67 -8.45 14.66
C PHE B 108 14.94 -8.73 15.45
N ASN B 109 15.17 -10.00 15.80
CA ASN B 109 16.31 -10.37 16.62
C ASN B 109 17.61 -9.94 15.94
N LYS B 110 17.74 -10.20 14.64
CA LYS B 110 18.93 -9.76 13.93
C LYS B 110 19.06 -8.23 13.99
N LEU B 111 17.93 -7.53 13.88
CA LEU B 111 17.98 -6.08 13.95
C LEU B 111 18.57 -5.62 15.28
N GLU B 112 18.17 -6.26 16.37
CA GLU B 112 18.67 -5.86 17.68
C GLU B 112 20.06 -6.41 17.99
N LYS B 113 20.79 -6.88 16.98
CA LYS B 113 22.20 -7.21 17.15
C LYS B 113 23.03 -5.93 17.07
N LEU B 114 24.34 -6.09 16.88
CA LEU B 114 25.27 -4.97 17.00
C LEU B 114 25.50 -4.39 15.60
N THR B 115 24.43 -4.30 14.81
CA THR B 115 24.50 -3.75 13.47
C THR B 115 24.45 -2.23 13.51
N ILE B 116 24.83 -1.63 14.65
CA ILE B 116 24.76 -0.19 14.83
C ILE B 116 25.24 0.54 13.58
N ARG B 117 26.29 0.03 12.94
CA ARG B 117 26.84 0.71 11.78
C ARG B 117 25.80 0.85 10.68
N PHE B 118 24.98 -0.19 10.48
CA PHE B 118 23.97 -0.14 9.44
C PHE B 118 23.04 1.04 9.66
N PHE B 119 22.49 1.18 10.87
CA PHE B 119 21.62 2.30 11.16
C PHE B 119 22.36 3.62 11.04
N ASP B 120 23.62 3.64 11.47
CA ASP B 120 24.40 4.88 11.39
C ASP B 120 24.52 5.35 9.94
N SER B 121 24.79 4.44 9.02
CA SER B 121 24.99 4.79 7.62
C SER B 121 23.67 4.99 6.89
N HIS B 122 22.85 3.94 6.82
CA HIS B 122 21.60 4.02 6.08
C HIS B 122 20.66 5.03 6.73
N GLN B 123 19.94 5.76 5.88
CA GLN B 123 18.93 6.69 6.37
C GLN B 123 17.78 5.92 7.03
N ASP B 124 17.14 6.57 7.99
CA ASP B 124 16.07 5.92 8.75
C ASP B 124 14.98 5.39 7.81
N GLY B 125 14.57 6.20 6.85
CA GLY B 125 13.50 5.77 5.96
C GLY B 125 13.85 4.50 5.20
N GLU B 126 15.08 4.41 4.70
CA GLU B 126 15.48 3.25 3.93
C GLU B 126 15.46 1.99 4.78
N ILE B 127 15.99 2.06 6.00
CA ILE B 127 16.02 0.87 6.84
C ILE B 127 14.61 0.48 7.27
N LEU B 128 13.76 1.45 7.59
CA LEU B 128 12.37 1.11 7.92
C LEU B 128 11.67 0.47 6.72
N SER B 129 11.93 0.97 5.52
CA SER B 129 11.38 0.36 4.32
C SER B 129 11.85 -1.09 4.20
N ARG B 130 13.14 -1.32 4.40
CA ARG B 130 13.68 -2.67 4.33
C ARG B 130 12.78 -3.65 5.07
N PHE B 131 12.19 -3.21 6.18
CA PHE B 131 11.25 -4.04 6.92
C PHE B 131 9.87 -3.99 6.28
N THR B 132 9.24 -2.81 6.35
CA THR B 132 7.80 -2.70 6.13
C THR B 132 7.38 -2.97 4.69
N SER B 133 8.31 -2.92 3.74
CA SER B 133 7.97 -3.26 2.37
C SER B 133 8.33 -4.72 2.12
N ASP B 134 9.60 -5.07 2.30
CA ASP B 134 10.08 -6.38 1.85
C ASP B 134 9.51 -7.51 2.70
N LEU B 135 9.60 -7.40 4.03
CA LEU B 135 9.12 -8.52 4.84
C LEU B 135 7.60 -8.64 4.72
N ASP B 136 6.90 -7.51 4.63
CA ASP B 136 5.45 -7.58 4.46
C ASP B 136 5.09 -8.17 3.10
N ASN B 137 5.89 -7.90 2.07
CA ASN B 137 5.66 -8.53 0.78
C ASN B 137 5.85 -10.04 0.88
N ILE B 138 6.90 -10.48 1.57
CA ILE B 138 7.08 -11.91 1.80
C ILE B 138 5.88 -12.48 2.53
N GLN B 139 5.40 -11.75 3.54
CA GLN B 139 4.27 -12.22 4.33
C GLN B 139 3.05 -12.40 3.44
N ASN B 140 2.75 -11.40 2.61
CA ASN B 140 1.61 -11.49 1.72
C ASN B 140 1.77 -12.65 0.74
N SER B 141 2.96 -12.78 0.17
CA SER B 141 3.21 -13.86 -0.80
C SER B 141 2.97 -15.22 -0.17
N LEU B 142 3.56 -15.48 0.99
CA LEU B 142 3.35 -16.76 1.65
C LEU B 142 1.91 -16.94 2.08
N ASN B 143 1.23 -15.86 2.47
CA ASN B 143 -0.16 -15.98 2.89
C ASN B 143 -1.06 -16.40 1.74
N GLN B 144 -0.84 -15.87 0.54
CA GLN B 144 -1.76 -16.17 -0.56
C GLN B 144 -1.06 -16.58 -1.85
N ALA B 145 0.20 -16.18 -2.04
CA ALA B 145 0.81 -16.35 -3.36
C ALA B 145 1.38 -17.74 -3.55
N LEU B 146 2.21 -18.21 -2.61
CA LEU B 146 3.04 -19.38 -2.87
C LEU B 146 2.20 -20.62 -3.17
N LEU B 147 1.13 -20.83 -2.39
CA LEU B 147 0.32 -22.01 -2.62
C LEU B 147 -0.33 -21.98 -3.99
N GLN B 148 -0.76 -20.82 -4.45
CA GLN B 148 -1.39 -20.75 -5.77
C GLN B 148 -0.44 -21.23 -6.85
N VAL B 149 0.81 -20.74 -6.83
CA VAL B 149 1.75 -21.13 -7.88
C VAL B 149 2.05 -22.61 -7.82
N LEU B 150 2.28 -23.15 -6.63
CA LEU B 150 2.59 -24.57 -6.52
C LEU B 150 1.42 -25.42 -6.99
N THR B 151 0.22 -25.14 -6.47
CA THR B 151 -0.95 -25.90 -6.88
C THR B 151 -1.16 -25.82 -8.38
N ASN B 152 -1.00 -24.61 -8.94
CA ASN B 152 -1.27 -24.43 -10.35
C ASN B 152 -0.24 -25.13 -11.22
N ILE B 153 1.03 -25.12 -10.84
CA ILE B 153 2.05 -25.80 -11.64
C ILE B 153 1.86 -27.30 -11.57
N ALA B 154 1.52 -27.82 -10.38
CA ALA B 154 1.22 -29.24 -10.28
C ALA B 154 0.02 -29.60 -11.16
N LEU B 155 -1.02 -28.77 -11.11
CA LEU B 155 -2.18 -29.01 -11.95
C LEU B 155 -1.79 -28.98 -13.42
N LEU B 156 -0.91 -28.04 -13.80
CA LEU B 156 -0.50 -27.90 -15.18
C LEU B 156 0.20 -29.16 -15.67
N VAL B 157 1.20 -29.63 -14.91
CA VAL B 157 1.93 -30.81 -15.36
C VAL B 157 1.00 -32.02 -15.41
N GLY B 158 0.18 -32.19 -14.38
CA GLY B 158 -0.73 -33.33 -14.38
C GLY B 158 -1.70 -33.29 -15.54
N VAL B 159 -2.23 -32.11 -15.85
CA VAL B 159 -3.26 -32.01 -16.87
C VAL B 159 -2.64 -32.20 -18.25
N LEU B 160 -1.42 -31.71 -18.44
CA LEU B 160 -0.70 -32.00 -19.67
C LEU B 160 -0.52 -33.50 -19.85
N ILE B 161 -0.03 -34.17 -18.82
CA ILE B 161 0.22 -35.60 -18.92
C ILE B 161 -1.08 -36.33 -19.25
N MET B 162 -2.16 -35.96 -18.57
CA MET B 162 -3.40 -36.71 -18.76
C MET B 162 -4.07 -36.34 -20.08
N MET B 163 -3.84 -35.13 -20.59
CA MET B 163 -4.27 -34.85 -21.95
C MET B 163 -3.60 -35.81 -22.92
N PHE B 164 -2.28 -35.90 -22.84
CA PHE B 164 -1.57 -36.74 -23.79
C PHE B 164 -1.94 -38.22 -23.60
N ARG B 165 -2.32 -38.60 -22.38
CA ARG B 165 -2.84 -39.95 -22.17
C ARG B 165 -4.22 -40.13 -22.78
N GLN B 166 -5.04 -39.07 -22.80
CA GLN B 166 -6.38 -39.15 -23.38
C GLN B 166 -6.39 -39.11 -24.90
N ASN B 167 -5.93 -38.02 -25.48
CA ASN B 167 -5.88 -37.88 -26.93
C ASN B 167 -4.51 -37.32 -27.30
N VAL B 168 -4.13 -37.52 -28.55
CA VAL B 168 -2.83 -37.05 -29.02
C VAL B 168 -3.02 -35.74 -29.79
N GLU B 169 -3.72 -35.82 -30.92
CA GLU B 169 -3.78 -34.68 -31.82
C GLU B 169 -4.55 -33.51 -31.21
N LEU B 170 -5.70 -33.79 -30.58
CA LEU B 170 -6.53 -32.70 -30.11
C LEU B 170 -5.81 -31.92 -29.01
N ALA B 171 -5.12 -32.62 -28.11
CA ALA B 171 -4.38 -31.93 -27.06
C ALA B 171 -3.16 -31.22 -27.63
N TRP B 172 -2.44 -31.89 -28.52
CA TRP B 172 -1.27 -31.28 -29.15
C TRP B 172 -1.66 -30.00 -29.86
N ALA B 173 -2.93 -29.90 -30.25
CA ALA B 173 -3.41 -28.66 -30.87
C ALA B 173 -3.92 -27.67 -29.83
N THR B 174 -4.66 -28.15 -28.83
CA THR B 174 -5.26 -27.23 -27.87
C THR B 174 -4.19 -26.47 -27.11
N ILE B 175 -3.09 -27.13 -26.77
CA ILE B 175 -2.00 -26.41 -26.10
C ILE B 175 -1.30 -25.45 -27.04
N ALA B 176 -1.63 -25.47 -28.33
CA ALA B 176 -0.91 -24.65 -29.30
C ALA B 176 -1.04 -23.16 -29.01
N SER B 177 -2.03 -22.76 -28.22
CA SER B 177 -2.16 -21.35 -27.85
C SER B 177 -1.18 -20.95 -26.77
N THR B 178 -0.44 -21.90 -26.20
CA THR B 178 0.45 -21.57 -25.09
C THR B 178 1.51 -20.55 -25.46
N PRO B 179 2.21 -20.68 -26.60
CA PRO B 179 3.25 -19.68 -26.90
C PRO B 179 2.72 -18.26 -27.01
N ILE B 180 1.56 -18.09 -27.64
CA ILE B 180 0.99 -16.75 -27.75
C ILE B 180 0.67 -16.19 -26.37
N ALA B 181 0.03 -17.02 -25.53
CA ALA B 181 -0.33 -16.57 -24.19
C ALA B 181 0.90 -16.21 -23.38
N ILE B 182 1.95 -17.03 -23.46
CA ILE B 182 3.14 -16.76 -22.65
C ILE B 182 3.87 -15.54 -23.17
N LEU B 183 3.91 -15.33 -24.50
CA LEU B 183 4.48 -14.10 -25.02
C LEU B 183 3.72 -12.88 -24.50
N ILE B 184 2.39 -12.96 -24.54
CA ILE B 184 1.56 -11.88 -24.02
C ILE B 184 1.93 -11.62 -22.56
N ALA B 185 1.97 -12.68 -21.76
CA ALA B 185 2.22 -12.54 -20.34
C ALA B 185 3.57 -11.91 -20.08
N VAL B 186 4.62 -12.43 -20.73
CA VAL B 186 5.96 -11.93 -20.46
C VAL B 186 6.06 -10.46 -20.85
N PHE B 187 5.57 -10.12 -22.05
CA PHE B 187 5.68 -8.73 -22.49
C PHE B 187 4.93 -7.81 -21.55
N VAL B 188 3.65 -8.11 -21.30
CA VAL B 188 2.84 -7.22 -20.50
C VAL B 188 3.39 -7.10 -19.09
N ILE B 189 3.80 -8.23 -18.49
CA ILE B 189 4.27 -8.18 -17.10
C ILE B 189 5.58 -7.42 -17.01
N SER B 190 6.48 -7.60 -17.98
CA SER B 190 7.74 -6.87 -17.93
C SER B 190 7.51 -5.38 -18.08
N LYS B 191 6.69 -4.98 -19.06
CA LYS B 191 6.41 -3.57 -19.23
C LYS B 191 5.70 -3.02 -18.01
N ALA B 192 4.83 -3.82 -17.39
CA ALA B 192 4.15 -3.38 -16.18
C ALA B 192 5.14 -3.16 -15.05
N ARG B 193 6.08 -4.09 -14.88
CA ARG B 193 7.11 -3.91 -13.87
C ARG B 193 7.85 -2.59 -14.08
N LYS B 194 8.32 -2.36 -15.31
CA LYS B 194 9.06 -1.15 -15.59
C LYS B 194 8.22 0.09 -15.30
N TYR B 195 7.01 0.14 -15.85
CA TYR B 195 6.22 1.35 -15.76
C TYR B 195 5.70 1.58 -14.35
N VAL B 196 5.38 0.51 -13.63
CA VAL B 196 4.91 0.66 -12.25
C VAL B 196 6.05 1.12 -11.37
N ASP B 197 7.27 0.64 -11.62
CA ASP B 197 8.41 1.16 -10.87
C ASP B 197 8.62 2.65 -11.14
N LEU B 198 8.51 3.04 -12.41
CA LEU B 198 8.63 4.47 -12.74
C LEU B 198 7.52 5.26 -12.06
N GLN B 199 6.31 4.73 -12.06
CA GLN B 199 5.19 5.38 -11.39
C GLN B 199 5.45 5.53 -9.91
N GLN B 200 5.98 4.48 -9.28
CA GLN B 200 6.28 4.56 -7.86
C GLN B 200 7.33 5.62 -7.58
N ASP B 201 8.36 5.71 -8.43
CA ASP B 201 9.36 6.76 -8.27
C ASP B 201 8.72 8.14 -8.37
N GLU B 202 7.90 8.35 -9.41
CA GLU B 202 7.33 9.67 -9.63
C GLU B 202 6.36 10.05 -8.52
N VAL B 203 5.53 9.09 -8.08
CA VAL B 203 4.59 9.39 -7.01
C VAL B 203 5.33 9.60 -5.69
N GLY B 204 6.46 8.92 -5.51
CA GLY B 204 7.29 9.23 -4.36
C GLY B 204 7.78 10.66 -4.37
N LYS B 205 8.28 11.11 -5.53
CA LYS B 205 8.68 12.50 -5.65
C LYS B 205 7.52 13.44 -5.36
N LEU B 206 6.36 13.16 -5.95
CA LEU B 206 5.19 14.00 -5.74
C LEU B 206 4.81 14.07 -4.28
N ASN B 207 4.66 12.91 -3.63
CA ASN B 207 4.19 12.90 -2.26
C ASN B 207 5.25 13.44 -1.31
N GLY B 208 6.52 13.40 -1.69
CA GLY B 208 7.53 14.10 -0.90
C GLY B 208 7.35 15.60 -0.97
N TYR B 209 7.21 16.14 -2.18
CA TYR B 209 6.87 17.54 -2.34
C TYR B 209 5.64 17.88 -1.50
N MET B 210 4.60 17.06 -1.61
CA MET B 210 3.39 17.27 -0.85
C MET B 210 3.69 17.30 0.64
N ASP B 211 4.14 16.18 1.20
CA ASP B 211 4.51 16.10 2.61
C ASP B 211 5.21 17.38 3.08
N GLU B 212 6.25 17.81 2.37
CA GLU B 212 6.98 18.99 2.84
C GLU B 212 6.10 20.23 2.84
N LYS B 213 5.29 20.41 1.79
CA LYS B 213 4.44 21.59 1.73
C LYS B 213 3.32 21.54 2.77
N ILE B 214 2.72 20.37 2.95
CA ILE B 214 1.63 20.17 3.88
C ILE B 214 2.15 20.20 5.31
N SER B 215 3.46 20.16 5.48
CA SER B 215 4.09 20.41 6.77
C SER B 215 4.42 21.88 6.98
N GLY B 216 4.90 22.57 5.96
CA GLY B 216 5.28 23.97 6.08
C GLY B 216 4.21 24.98 5.74
N GLN B 217 2.98 24.53 5.48
CA GLN B 217 1.91 25.42 5.04
C GLN B 217 1.77 26.69 5.89
N ARG B 218 2.28 26.69 7.13
CA ARG B 218 2.14 27.87 7.96
C ARG B 218 2.84 29.06 7.33
N VAL B 219 4.08 28.87 6.88
CA VAL B 219 4.78 29.97 6.23
C VAL B 219 4.08 30.34 4.93
N ILE B 220 3.53 29.35 4.23
CA ILE B 220 2.78 29.63 3.01
C ILE B 220 1.64 30.60 3.31
N ILE B 221 0.86 30.31 4.35
CA ILE B 221 -0.25 31.17 4.72
C ILE B 221 0.27 32.56 5.09
N THR B 222 1.35 32.62 5.87
CA THR B 222 1.87 33.92 6.27
C THR B 222 2.28 34.76 5.07
N ASN B 223 2.93 34.13 4.08
CA ASN B 223 3.43 34.84 2.91
C ASN B 223 2.60 34.60 1.65
N GLY B 224 1.58 33.75 1.71
CA GLY B 224 0.74 33.53 0.56
C GLY B 224 1.43 32.88 -0.62
N LEU B 225 2.13 31.77 -0.40
CA LEU B 225 2.75 31.04 -1.50
C LEU B 225 1.76 30.21 -2.30
N GLN B 226 0.46 30.43 -2.13
CA GLN B 226 -0.55 29.61 -2.76
C GLN B 226 -0.23 29.30 -4.22
N GLU B 227 -0.13 30.35 -5.04
CA GLU B 227 -0.04 30.15 -6.47
C GLU B 227 1.19 29.34 -6.86
N GLU B 228 2.35 29.68 -6.32
CA GLU B 228 3.57 29.01 -6.73
C GLU B 228 3.56 27.54 -6.33
N THR B 229 3.17 27.26 -5.08
CA THR B 229 3.17 25.87 -4.64
C THR B 229 2.14 25.06 -5.41
N ILE B 230 0.96 25.63 -5.69
CA ILE B 230 -0.02 24.87 -6.45
C ILE B 230 0.46 24.64 -7.86
N ASP B 231 1.19 25.60 -8.44
CA ASP B 231 1.70 25.41 -9.80
C ASP B 231 2.71 24.28 -9.84
N GLY B 232 3.66 24.28 -8.90
CA GLY B 232 4.61 23.18 -8.85
C GLY B 232 3.94 21.84 -8.62
N PHE B 233 2.99 21.82 -7.69
CA PHE B 233 2.24 20.59 -7.43
C PHE B 233 1.53 20.13 -8.68
N LEU B 234 0.97 21.07 -9.45
CA LEU B 234 0.23 20.70 -10.65
C LEU B 234 1.16 20.18 -11.73
N GLU B 235 2.35 20.75 -11.84
CA GLU B 235 3.30 20.23 -12.83
C GLU B 235 3.72 18.80 -12.48
N GLN B 236 4.09 18.57 -11.22
CA GLN B 236 4.44 17.22 -10.82
C GLN B 236 3.23 16.28 -10.95
N ASN B 237 2.03 16.81 -10.73
CA ASN B 237 0.82 16.02 -10.89
C ASN B 237 0.63 15.63 -12.35
N GLU B 238 0.93 16.54 -13.27
CA GLU B 238 0.85 16.20 -14.68
C GLU B 238 1.84 15.09 -15.03
N LYS B 239 3.06 15.18 -14.51
CA LYS B 239 4.02 14.09 -14.74
C LYS B 239 3.47 12.77 -14.24
N VAL B 240 3.03 12.73 -12.98
CA VAL B 240 2.52 11.49 -12.43
C VAL B 240 1.26 11.08 -13.16
N ARG B 241 0.60 12.01 -13.85
CA ARG B 241 -0.60 11.66 -14.59
C ARG B 241 -0.28 10.61 -15.65
N ALA B 242 0.67 10.91 -16.52
CA ALA B 242 1.10 9.93 -17.50
C ALA B 242 1.70 8.71 -16.82
N ALA B 243 2.53 8.94 -15.79
CA ALA B 243 3.18 7.81 -15.13
C ALA B 243 2.14 6.80 -14.64
N THR B 244 1.17 7.27 -13.87
CA THR B 244 0.17 6.39 -13.29
C THR B 244 -0.80 5.86 -14.33
N TYR B 245 -1.09 6.65 -15.37
CA TYR B 245 -1.91 6.13 -16.46
C TYR B 245 -1.28 4.85 -17.02
N LYS B 246 -0.02 4.95 -17.43
CA LYS B 246 0.66 3.79 -17.98
C LYS B 246 0.76 2.66 -16.96
N GLY B 247 1.15 2.99 -15.74
CA GLY B 247 1.32 1.96 -14.73
C GLY B 247 0.04 1.21 -14.44
N GLN B 248 -1.04 1.95 -14.22
CA GLN B 248 -2.31 1.31 -13.90
C GLN B 248 -2.79 0.46 -15.06
N VAL B 249 -2.69 0.96 -16.29
CA VAL B 249 -3.21 0.20 -17.41
C VAL B 249 -2.44 -1.10 -17.57
N TYR B 250 -1.10 -1.04 -17.51
CA TYR B 250 -0.34 -2.26 -17.72
C TYR B 250 -0.38 -3.17 -16.51
N SER B 251 -0.72 -2.66 -15.33
CA SER B 251 -0.93 -3.54 -14.18
C SER B 251 -2.24 -4.29 -14.30
N GLY B 252 -3.30 -3.58 -14.69
CA GLY B 252 -4.62 -4.21 -14.71
C GLY B 252 -4.91 -4.94 -16.00
N LEU B 253 -4.08 -4.78 -17.03
CA LEU B 253 -4.37 -5.42 -18.30
C LEU B 253 -4.24 -6.93 -18.22
N LEU B 254 -3.29 -7.43 -17.44
CA LEU B 254 -2.94 -8.85 -17.52
C LEU B 254 -4.15 -9.73 -17.31
N PHE B 255 -4.88 -9.52 -16.21
CA PHE B 255 -5.97 -10.44 -15.87
C PHE B 255 -7.03 -10.51 -16.95
N PRO B 256 -7.62 -9.40 -17.40
CA PRO B 256 -8.59 -9.51 -18.50
C PRO B 256 -7.99 -10.05 -19.77
N MET B 257 -6.72 -9.73 -20.06
CA MET B 257 -6.09 -10.24 -21.26
C MET B 257 -6.00 -11.76 -21.22
N MET B 258 -5.57 -12.30 -20.07
CA MET B 258 -5.49 -13.75 -19.95
C MET B 258 -6.88 -14.38 -19.94
N GLN B 259 -7.88 -13.69 -19.39
CA GLN B 259 -9.24 -14.20 -19.45
C GLN B 259 -9.69 -14.33 -20.90
N GLY B 260 -9.47 -13.29 -21.70
CA GLY B 260 -9.81 -13.38 -23.11
C GLY B 260 -9.02 -14.45 -23.82
N MET B 261 -7.76 -14.63 -23.42
CA MET B 261 -6.98 -15.72 -24.00
C MET B 261 -7.61 -17.07 -23.68
N SER B 262 -8.14 -17.22 -22.46
CA SER B 262 -8.87 -18.42 -22.12
C SER B 262 -10.12 -18.58 -22.99
N LEU B 263 -10.83 -17.49 -23.23
CA LEU B 263 -11.97 -17.54 -24.12
C LEU B 263 -11.57 -18.07 -25.49
N VAL B 264 -10.53 -17.49 -26.08
CA VAL B 264 -10.14 -17.91 -27.42
C VAL B 264 -9.62 -19.34 -27.40
N ASN B 265 -9.01 -19.75 -26.28
CA ASN B 265 -8.50 -21.11 -26.17
C ASN B 265 -9.64 -22.12 -26.17
N THR B 266 -10.64 -21.90 -25.30
CA THR B 266 -11.80 -22.77 -25.31
C THR B 266 -12.47 -22.74 -26.68
N ALA B 267 -12.43 -21.59 -27.35
CA ALA B 267 -13.01 -21.49 -28.68
C ALA B 267 -12.29 -22.40 -29.67
N ILE B 268 -10.97 -22.30 -29.73
CA ILE B 268 -10.23 -23.07 -30.73
C ILE B 268 -10.33 -24.55 -30.43
N VAL B 269 -10.34 -24.93 -29.14
CA VAL B 269 -10.49 -26.34 -28.82
C VAL B 269 -11.87 -26.82 -29.22
N ILE B 270 -12.90 -26.00 -29.02
CA ILE B 270 -14.22 -26.33 -29.54
C ILE B 270 -14.16 -26.56 -31.04
N PHE B 271 -13.50 -25.67 -31.76
CA PHE B 271 -13.46 -25.77 -33.21
C PHE B 271 -12.86 -27.10 -33.64
N PHE B 272 -11.67 -27.42 -33.13
CA PHE B 272 -11.05 -28.68 -33.49
C PHE B 272 -11.84 -29.88 -32.97
N GLY B 273 -12.46 -29.75 -31.81
CA GLY B 273 -13.23 -30.86 -31.28
C GLY B 273 -14.37 -31.21 -32.20
N GLY B 274 -15.12 -30.20 -32.62
CA GLY B 274 -16.21 -30.44 -33.55
C GLY B 274 -15.72 -30.97 -34.88
N TRP B 275 -14.62 -30.40 -35.39
CA TRP B 275 -14.10 -30.85 -36.66
C TRP B 275 -13.71 -32.33 -36.60
N LEU B 276 -13.02 -32.72 -35.53
CA LEU B 276 -12.66 -34.12 -35.35
C LEU B 276 -13.90 -34.99 -35.21
N ALA B 277 -14.86 -34.54 -34.41
CA ALA B 277 -16.07 -35.32 -34.18
C ALA B 277 -16.85 -35.58 -35.44
N ILE B 278 -17.00 -34.60 -36.32
CA ILE B 278 -17.83 -34.77 -37.50
C ILE B 278 -17.03 -35.44 -38.61
N ASN B 279 -15.78 -35.00 -38.82
CA ASN B 279 -14.98 -35.54 -39.91
C ASN B 279 -14.14 -36.73 -39.48
N GLY B 280 -14.08 -37.04 -38.19
CA GLY B 280 -13.21 -38.09 -37.71
C GLY B 280 -13.92 -39.35 -37.28
N SER B 281 -13.69 -39.78 -36.05
CA SER B 281 -14.26 -41.03 -35.56
C SER B 281 -15.78 -41.00 -35.65
N VAL B 282 -16.35 -42.12 -36.09
CA VAL B 282 -17.80 -42.21 -36.24
C VAL B 282 -18.52 -42.27 -34.90
N ASP B 283 -17.83 -42.69 -33.84
CA ASP B 283 -18.46 -42.85 -32.53
C ASP B 283 -18.69 -41.45 -31.95
N ARG B 284 -19.83 -40.88 -32.33
CA ARG B 284 -20.13 -39.52 -31.91
C ARG B 284 -20.24 -39.40 -30.40
N ALA B 285 -20.85 -40.39 -29.74
CA ALA B 285 -20.95 -40.34 -28.28
C ALA B 285 -19.58 -40.15 -27.64
N ALA B 286 -18.63 -41.02 -28.00
CA ALA B 286 -17.27 -40.85 -27.50
C ALA B 286 -16.70 -39.52 -27.96
N ALA B 287 -17.04 -39.10 -29.18
CA ALA B 287 -16.53 -37.85 -29.70
C ALA B 287 -16.96 -36.67 -28.83
N LEU B 288 -18.27 -36.57 -28.54
CA LEU B 288 -18.74 -35.47 -27.73
C LEU B 288 -18.25 -35.56 -26.31
N GLY B 289 -18.13 -36.77 -25.77
CA GLY B 289 -17.55 -36.91 -24.46
C GLY B 289 -16.15 -36.33 -24.43
N LEU B 290 -15.36 -36.68 -25.43
CA LEU B 290 -14.01 -36.13 -25.55
C LEU B 290 -14.05 -34.61 -25.68
N VAL B 291 -15.01 -34.09 -26.45
CA VAL B 291 -15.08 -32.64 -26.67
C VAL B 291 -15.33 -31.91 -25.35
N VAL B 292 -16.35 -32.33 -24.62
CA VAL B 292 -16.68 -31.66 -23.37
C VAL B 292 -15.54 -31.83 -22.37
N MET B 293 -14.97 -33.04 -22.32
CA MET B 293 -13.81 -33.27 -21.48
C MET B 293 -12.72 -32.26 -21.78
N PHE B 294 -12.44 -32.03 -23.07
CA PHE B 294 -11.35 -31.14 -23.41
C PHE B 294 -11.70 -29.68 -23.16
N VAL B 295 -12.99 -29.33 -23.22
CA VAL B 295 -13.38 -27.99 -22.80
C VAL B 295 -13.06 -27.78 -21.33
N GLN B 296 -13.48 -28.74 -20.50
CA GLN B 296 -13.14 -28.68 -19.08
C GLN B 296 -11.63 -28.59 -18.90
N TYR B 297 -10.89 -29.37 -19.71
CA TYR B 297 -9.44 -29.36 -19.60
C TYR B 297 -8.86 -28.00 -19.94
N SER B 298 -9.36 -27.37 -20.99
CA SER B 298 -8.83 -26.06 -21.37
C SER B 298 -9.07 -25.05 -20.25
N GLN B 299 -10.27 -25.08 -19.67
CA GLN B 299 -10.54 -24.18 -18.55
C GLN B 299 -9.56 -24.44 -17.40
N GLN B 300 -9.41 -25.71 -17.01
CA GLN B 300 -8.53 -26.06 -15.91
C GLN B 300 -7.05 -25.90 -16.27
N TYR B 301 -6.74 -25.70 -17.55
CA TYR B 301 -5.38 -25.47 -18.00
C TYR B 301 -5.01 -24.01 -17.91
N TYR B 302 -5.86 -23.14 -18.45
CA TYR B 302 -5.56 -21.72 -18.36
C TYR B 302 -5.83 -21.13 -16.99
N GLN B 303 -6.62 -21.79 -16.14
CA GLN B 303 -6.70 -21.32 -14.76
C GLN B 303 -5.33 -21.29 -14.11
N PRO B 304 -4.52 -22.36 -14.18
CA PRO B 304 -3.14 -22.26 -13.70
C PRO B 304 -2.36 -21.12 -14.33
N LEU B 305 -2.48 -20.95 -15.64
CA LEU B 305 -1.72 -19.90 -16.30
C LEU B 305 -2.15 -18.53 -15.80
N MET B 306 -3.46 -18.29 -15.70
CA MET B 306 -3.94 -17.02 -15.18
C MET B 306 -3.41 -16.78 -13.77
N GLN B 307 -3.53 -17.78 -12.90
CA GLN B 307 -3.13 -17.59 -11.51
C GLN B 307 -1.63 -17.33 -11.41
N ILE B 308 -0.82 -18.11 -12.12
CA ILE B 308 0.63 -17.94 -12.02
C ILE B 308 1.05 -16.60 -12.60
N SER B 309 0.47 -16.21 -13.73
CA SER B 309 0.81 -14.91 -14.30
C SER B 309 0.44 -13.78 -13.35
N SER B 310 -0.73 -13.87 -12.74
CA SER B 310 -1.14 -12.84 -11.78
C SER B 310 -0.20 -12.79 -10.59
N GLY B 311 0.18 -13.96 -10.06
CA GLY B 311 1.03 -13.97 -8.89
C GLY B 311 2.50 -13.74 -9.21
N TYR B 312 2.84 -13.66 -10.50
CA TYR B 312 4.21 -13.38 -10.88
C TYR B 312 4.65 -12.02 -10.33
N SER B 313 3.78 -11.02 -10.43
CA SER B 313 4.12 -9.70 -9.92
C SER B 313 4.42 -9.76 -8.43
N MET B 314 3.59 -10.46 -7.67
CA MET B 314 3.83 -10.58 -6.24
C MET B 314 5.14 -11.31 -5.96
N ILE B 315 5.34 -12.45 -6.63
CA ILE B 315 6.44 -13.33 -6.25
C ILE B 315 7.78 -12.72 -6.62
N GLN B 316 7.86 -12.04 -7.77
CA GLN B 316 9.14 -11.46 -8.17
C GLN B 316 9.58 -10.38 -7.18
N LEU B 317 8.67 -9.46 -6.86
CA LEU B 317 8.99 -8.44 -5.87
C LEU B 317 9.28 -9.09 -4.51
N ALA B 318 8.58 -10.17 -4.21
CA ALA B 318 8.82 -10.88 -2.96
C ALA B 318 10.24 -11.42 -2.90
N VAL B 319 10.71 -12.02 -4.00
CA VAL B 319 12.05 -12.59 -3.97
C VAL B 319 13.10 -11.49 -3.96
N THR B 320 12.82 -10.35 -4.59
CA THR B 320 13.75 -9.22 -4.48
C THR B 320 13.85 -8.77 -3.03
N GLY B 321 12.70 -8.63 -2.36
CA GLY B 321 12.73 -8.30 -0.94
C GLY B 321 13.45 -9.36 -0.13
N ALA B 322 13.30 -10.62 -0.52
CA ALA B 322 14.05 -11.69 0.14
C ALA B 322 15.54 -11.51 -0.05
N ARG B 323 15.95 -11.09 -1.24
CA ARG B 323 17.36 -10.79 -1.45
C ARG B 323 17.83 -9.71 -0.48
N ARG B 324 17.03 -8.67 -0.32
CA ARG B 324 17.39 -7.62 0.63
C ARG B 324 17.48 -8.16 2.06
N LEU B 325 16.49 -8.94 2.48
CA LEU B 325 16.52 -9.51 3.82
C LEU B 325 17.71 -10.43 4.00
N ASN B 326 18.12 -11.14 2.94
CA ASN B 326 19.31 -11.98 3.03
C ASN B 326 20.56 -11.13 3.21
N GLU B 327 20.65 -10.05 2.45
CA GLU B 327 21.75 -9.10 2.65
C GLU B 327 21.81 -8.67 4.10
N MET B 328 20.66 -8.38 4.69
CA MET B 328 20.61 -8.06 6.11
C MET B 328 21.10 -9.24 6.96
N PHE B 329 20.53 -10.42 6.71
CA PHE B 329 20.79 -11.59 7.54
C PHE B 329 22.23 -12.03 7.50
N ASP B 330 22.98 -11.62 6.47
CA ASP B 330 24.41 -11.88 6.41
C ASP B 330 25.25 -10.80 7.07
N GLU B 331 24.63 -9.71 7.50
CA GLU B 331 25.38 -8.66 8.18
C GLU B 331 25.97 -9.22 9.48
N PRO B 332 27.21 -8.87 9.82
CA PRO B 332 27.82 -9.42 11.03
C PRO B 332 27.08 -8.99 12.28
N ASP B 333 26.74 -9.97 13.12
CA ASP B 333 26.11 -9.65 14.40
C ASP B 333 27.02 -8.82 15.27
N GLU B 334 28.30 -9.19 15.35
CA GLU B 334 29.33 -8.45 16.08
C GLU B 334 29.07 -8.45 17.59
N ILE B 335 28.19 -9.31 18.08
CA ILE B 335 28.00 -9.41 19.52
C ILE B 335 29.30 -9.87 20.17
N ARG B 336 29.56 -9.37 21.37
CA ARG B 336 30.78 -9.77 22.05
C ARG B 336 30.59 -11.15 22.70
N PRO B 337 31.67 -11.92 22.83
CA PRO B 337 31.53 -13.30 23.31
C PRO B 337 31.43 -13.36 24.83
N GLU B 338 31.47 -14.57 25.38
CA GLU B 338 31.53 -14.77 26.83
C GLU B 338 32.95 -14.40 27.26
N ASN B 339 33.20 -13.09 27.33
CA ASN B 339 34.53 -12.57 27.64
C ASN B 339 34.89 -12.71 29.12
N GLY B 340 34.04 -13.34 29.93
CA GLY B 340 34.39 -13.63 31.30
C GLY B 340 34.14 -12.48 32.25
N GLU B 341 34.76 -11.34 31.99
CA GLU B 341 34.64 -10.20 32.91
C GLU B 341 33.24 -9.62 32.87
N LYS B 342 32.65 -9.45 34.04
CA LYS B 342 31.34 -8.85 34.21
C LYS B 342 31.49 -7.71 35.20
N LEU B 343 31.65 -6.50 34.69
CA LEU B 343 31.88 -5.35 35.56
C LEU B 343 30.71 -5.16 36.51
N GLU B 344 31.04 -4.92 37.79
CA GLU B 344 30.05 -4.62 38.81
C GLU B 344 30.20 -3.24 39.42
N GLU B 345 31.40 -2.66 39.37
CA GLU B 345 31.64 -1.31 39.86
C GLU B 345 32.88 -0.76 39.18
N ILE B 346 32.79 0.51 38.77
CA ILE B 346 33.84 1.10 37.96
C ILE B 346 35.17 1.18 38.69
N ASN B 347 35.14 1.41 40.00
CA ASN B 347 36.34 1.66 40.80
C ASN B 347 36.88 3.07 40.59
N LYS B 348 36.23 3.84 39.72
CA LYS B 348 36.47 5.28 39.62
C LYS B 348 37.88 5.60 39.17
N ALA B 349 38.29 5.01 38.04
CA ALA B 349 39.57 5.31 37.42
C ALA B 349 39.42 5.37 35.90
N VAL B 350 38.35 6.03 35.45
CA VAL B 350 38.04 6.07 34.03
C VAL B 350 39.03 6.95 33.29
N ALA B 351 39.43 6.51 32.10
CA ALA B 351 40.35 7.30 31.28
C ALA B 351 40.41 6.73 29.87
N LEU B 352 41.03 7.51 28.99
CA LEU B 352 41.26 7.13 27.60
C LEU B 352 42.76 7.06 27.33
N ASN B 353 43.14 6.28 26.32
CA ASN B 353 44.55 6.05 26.03
C ASN B 353 44.77 6.07 24.53
N HIS B 354 45.43 7.12 24.04
CA HIS B 354 45.88 7.20 22.64
C HIS B 354 44.82 6.71 21.68
N VAL B 355 43.67 7.37 21.66
CA VAL B 355 42.54 6.88 20.88
C VAL B 355 42.54 7.56 19.51
N VAL B 356 42.48 6.76 18.45
CA VAL B 356 42.40 7.25 17.08
C VAL B 356 41.19 6.59 16.44
N PHE B 357 40.28 7.40 15.90
CA PHE B 357 39.07 6.83 15.34
C PHE B 357 38.41 7.81 14.38
N GLY B 358 37.55 7.24 13.53
CA GLY B 358 36.65 8.00 12.67
C GLY B 358 35.56 7.07 12.20
N TYR B 359 34.60 7.63 11.45
CA TYR B 359 33.56 6.80 10.87
C TYR B 359 34.16 5.63 10.09
N ASN B 360 35.25 5.88 9.37
CA ASN B 360 35.92 4.85 8.61
C ASN B 360 37.42 5.09 8.73
N PRO B 361 38.25 4.06 8.50
CA PRO B 361 39.68 4.21 8.79
C PRO B 361 40.32 5.42 8.13
N GLU B 362 39.94 5.74 6.90
CA GLU B 362 40.46 6.92 6.24
C GLU B 362 39.97 8.19 6.95
N THR B 363 40.84 9.17 7.05
CA THR B 363 40.49 10.48 7.61
C THR B 363 39.82 10.32 8.97
N PRO B 364 40.51 9.74 9.96
CA PRO B 364 39.91 9.64 11.30
C PRO B 364 39.55 11.02 11.84
N VAL B 365 38.41 11.09 12.52
CA VAL B 365 37.97 12.37 13.07
C VAL B 365 38.66 12.70 14.39
N LEU B 366 39.34 11.74 14.99
CA LEU B 366 39.99 11.97 16.28
C LEU B 366 41.27 11.15 16.35
N LYS B 367 42.22 11.63 17.14
CA LYS B 367 43.53 11.02 17.24
C LYS B 367 44.12 11.26 18.62
N ASP B 368 44.74 10.21 19.16
CA ASP B 368 45.53 10.29 20.39
C ASP B 368 44.75 10.93 21.54
N VAL B 369 43.49 10.53 21.74
CA VAL B 369 42.71 11.08 22.83
C VAL B 369 43.07 10.34 24.12
N SER B 370 43.50 11.09 25.14
CA SER B 370 43.94 10.52 26.41
C SER B 370 43.48 11.46 27.53
N ILE B 371 42.33 11.11 28.14
CA ILE B 371 41.76 11.86 29.25
C ILE B 371 41.41 10.87 30.35
N HIS B 372 41.36 11.37 31.58
CA HIS B 372 41.04 10.55 32.74
C HIS B 372 39.95 11.21 33.54
N VAL B 373 39.19 10.40 34.27
CA VAL B 373 38.15 10.87 35.17
C VAL B 373 38.24 10.08 36.46
N ASP B 374 37.78 10.67 37.56
CA ASP B 374 37.98 10.11 38.88
C ASP B 374 36.65 9.96 39.62
N LYS B 375 36.74 9.57 40.88
CA LYS B 375 35.59 9.31 41.74
C LYS B 375 34.60 10.48 41.73
N GLY B 376 33.36 10.20 41.33
CA GLY B 376 32.31 11.20 41.32
C GLY B 376 32.68 12.48 40.60
N GLU B 377 33.75 12.42 39.82
CA GLU B 377 34.26 13.59 39.12
C GLU B 377 33.51 13.77 37.79
N MET B 378 33.70 14.92 37.16
CA MET B 378 33.11 15.19 35.86
C MET B 378 34.11 15.96 35.01
N VAL B 379 33.91 15.89 33.69
CA VAL B 379 34.77 16.55 32.72
C VAL B 379 33.88 17.22 31.68
N ALA B 380 34.21 18.47 31.35
CA ALA B 380 33.46 19.23 30.37
C ALA B 380 34.22 19.22 29.04
N LEU B 381 33.48 19.03 27.96
CA LEU B 381 34.06 18.88 26.63
C LEU B 381 33.44 19.90 25.67
N VAL B 382 34.24 20.36 24.71
CA VAL B 382 33.77 21.29 23.70
C VAL B 382 34.79 21.33 22.57
N GLY B 383 34.31 21.66 21.37
CA GLY B 383 35.15 21.71 20.19
C GLY B 383 34.32 21.95 18.94
N PRO B 384 34.71 21.32 17.83
CA PRO B 384 33.90 21.48 16.61
C PRO B 384 32.48 20.97 16.81
N THR B 385 31.54 21.68 16.20
CA THR B 385 30.13 21.38 16.40
C THR B 385 29.81 19.98 15.88
N GLY B 386 28.90 19.30 16.59
CA GLY B 386 28.46 17.99 16.17
C GLY B 386 29.59 16.98 16.10
N SER B 387 29.79 16.41 14.91
CA SER B 387 30.89 15.48 14.70
C SER B 387 32.20 16.14 15.12
N GLY B 388 33.23 15.32 15.32
CA GLY B 388 34.49 15.79 15.84
C GLY B 388 34.55 15.84 17.35
N LYS B 389 33.43 16.14 18.01
CA LYS B 389 33.35 16.09 19.47
C LYS B 389 32.28 15.10 19.92
N THR B 390 31.10 15.11 19.29
CA THR B 390 30.05 14.19 19.70
C THR B 390 30.47 12.75 19.52
N THR B 391 31.38 12.49 18.58
CA THR B 391 31.76 11.11 18.27
C THR B 391 32.38 10.40 19.46
N ILE B 392 33.11 11.13 20.31
CA ILE B 392 33.79 10.47 21.41
C ILE B 392 32.79 9.71 22.27
N MET B 393 31.63 10.31 22.51
CA MET B 393 30.58 9.60 23.24
C MET B 393 30.24 8.29 22.55
N ASN B 394 30.16 8.28 21.22
CA ASN B 394 29.84 7.05 20.50
C ASN B 394 30.79 5.93 20.92
N LEU B 395 32.06 6.26 21.12
CA LEU B 395 33.01 5.26 21.60
C LEU B 395 32.81 4.97 23.09
N MET B 396 32.43 5.98 23.87
CA MET B 396 32.29 5.77 25.31
C MET B 396 31.33 4.64 25.63
N ASN B 397 30.28 4.48 24.84
CA ASN B 397 29.35 3.36 24.99
C ASN B 397 29.76 2.18 24.13
N ARG B 398 30.90 2.26 23.47
CA ARG B 398 31.39 1.20 22.58
C ARG B 398 30.36 0.86 21.51
N PHE B 399 29.49 1.82 21.22
CA PHE B 399 28.60 1.70 20.08
C PHE B 399 29.42 1.23 18.89
N TYR B 400 30.40 2.04 18.48
CA TYR B 400 31.46 1.55 17.63
C TYR B 400 32.61 1.04 18.49
N ASP B 401 33.60 0.46 17.82
CA ASP B 401 34.84 0.04 18.48
C ASP B 401 36.02 0.62 17.72
N VAL B 402 36.94 1.22 18.46
CA VAL B 402 38.07 1.92 17.86
C VAL B 402 39.02 0.91 17.24
N ASN B 403 39.76 1.36 16.22
CA ASN B 403 40.76 0.50 15.61
C ASN B 403 41.93 0.24 16.55
N GLU B 404 42.46 1.30 17.15
CA GLU B 404 43.59 1.17 18.07
C GLU B 404 43.49 2.27 19.11
N GLY B 405 44.16 2.03 20.24
CA GLY B 405 43.96 2.83 21.42
C GLY B 405 42.95 2.18 22.35
N ALA B 406 43.03 2.55 23.62
CA ALA B 406 42.25 1.87 24.64
C ALA B 406 41.53 2.88 25.52
N VAL B 407 40.35 2.49 25.98
CA VAL B 407 39.59 3.22 26.98
C VAL B 407 39.22 2.24 28.08
N THR B 408 39.28 2.70 29.32
CA THR B 408 39.02 1.83 30.46
C THR B 408 38.37 2.62 31.57
N PHE B 409 37.73 1.87 32.48
CA PHE B 409 37.16 2.43 33.69
C PHE B 409 38.02 2.15 34.91
N ASP B 410 38.71 1.01 34.93
CA ASP B 410 39.84 0.83 35.83
C ASP B 410 40.75 -0.21 35.19
N GLY B 411 41.72 0.25 34.40
CA GLY B 411 42.66 -0.66 33.76
C GLY B 411 42.05 -1.47 32.64
N VAL B 412 40.98 -2.20 32.94
CA VAL B 412 40.37 -3.10 31.96
C VAL B 412 39.83 -2.27 30.80
N ASP B 413 40.20 -2.68 29.58
CA ASP B 413 39.77 -1.97 28.39
C ASP B 413 38.35 -2.40 27.98
N ILE B 414 37.69 -1.52 27.24
CA ILE B 414 36.30 -1.76 26.86
C ILE B 414 36.13 -3.13 26.22
N ARG B 415 37.16 -3.61 25.53
CA ARG B 415 37.08 -4.92 24.89
C ARG B 415 36.99 -6.04 25.91
N GLU B 416 37.24 -5.76 27.19
CA GLU B 416 37.34 -6.83 28.17
C GLU B 416 35.98 -7.28 28.68
N MET B 417 35.23 -6.36 29.29
CA MET B 417 34.03 -6.71 30.04
C MET B 417 32.84 -6.95 29.14
N ASP B 418 31.76 -7.45 29.75
CA ASP B 418 30.52 -7.71 29.06
C ASP B 418 29.88 -6.42 28.60
N LEU B 419 29.29 -6.45 27.39
CA LEU B 419 28.54 -5.29 26.91
C LEU B 419 27.33 -5.02 27.78
N ASP B 420 26.62 -6.07 28.19
CA ASP B 420 25.42 -5.88 29.00
C ASP B 420 25.76 -5.21 30.31
N SER B 421 26.78 -5.72 31.02
CA SER B 421 27.20 -5.10 32.27
C SER B 421 27.62 -3.66 32.03
N LEU B 422 28.34 -3.42 30.93
CA LEU B 422 28.72 -2.06 30.59
C LEU B 422 27.51 -1.15 30.51
N ARG B 423 26.61 -1.43 29.55
CA ARG B 423 25.44 -0.58 29.38
C ARG B 423 24.67 -0.42 30.67
N SER B 424 24.61 -1.47 31.49
CA SER B 424 23.93 -1.37 32.76
C SER B 424 24.61 -0.34 33.67
N HIS B 425 25.94 -0.35 33.69
CA HIS B 425 26.67 0.50 34.63
C HIS B 425 26.91 1.91 34.12
N VAL B 426 26.67 2.18 32.84
CA VAL B 426 26.88 3.51 32.28
C VAL B 426 25.63 3.93 31.52
N GLY B 427 25.21 5.17 31.70
CA GLY B 427 24.07 5.72 30.99
C GLY B 427 24.47 6.79 30.02
N ILE B 428 23.63 7.03 29.02
CA ILE B 428 23.89 8.01 27.98
C ILE B 428 22.61 8.79 27.70
N VAL B 429 22.75 10.06 27.38
CA VAL B 429 21.65 10.91 26.98
C VAL B 429 22.02 11.55 25.66
N LEU B 430 21.20 11.34 24.64
CA LEU B 430 21.51 11.75 23.27
C LEU B 430 20.58 12.88 22.86
N GLN B 431 21.08 13.74 21.97
CA GLN B 431 20.42 15.01 21.67
C GLN B 431 18.92 14.83 21.44
N GLU B 432 18.55 14.06 20.41
CA GLU B 432 17.15 13.99 20.02
C GLU B 432 16.27 13.49 21.16
N SER B 433 16.72 12.47 21.89
CA SER B 433 15.98 11.94 23.03
C SER B 433 14.56 11.55 22.62
N VAL B 434 14.46 10.60 21.71
CA VAL B 434 13.14 10.15 21.25
C VAL B 434 12.43 9.39 22.36
N LEU B 435 11.11 9.36 22.27
CA LEU B 435 10.25 8.67 23.23
C LEU B 435 9.76 7.35 22.64
N PHE B 436 8.90 6.68 23.38
CA PHE B 436 8.38 5.39 22.97
C PHE B 436 6.89 5.30 23.27
N SER B 437 6.25 4.29 22.69
CA SER B 437 4.82 4.07 22.88
C SER B 437 4.50 3.83 24.35
N GLY B 438 3.21 3.76 24.67
CA GLY B 438 2.79 3.55 26.03
C GLY B 438 2.57 4.87 26.76
N THR B 439 2.68 4.80 28.08
CA THR B 439 2.50 5.96 28.93
C THR B 439 3.86 6.53 29.32
N ILE B 440 3.82 7.74 29.88
CA ILE B 440 5.05 8.35 30.37
C ILE B 440 5.68 7.47 31.43
N ARG B 441 4.88 6.69 32.15
CA ARG B 441 5.44 5.73 33.09
C ARG B 441 6.31 4.71 32.37
N GLU B 442 5.85 4.23 31.23
CA GLU B 442 6.69 3.30 30.45
C GLU B 442 7.96 3.98 29.99
N ASN B 443 7.86 5.21 29.48
CA ASN B 443 9.03 5.90 28.98
C ASN B 443 10.06 6.12 30.08
N ILE B 444 9.62 6.54 31.25
CA ILE B 444 10.56 6.63 32.36
C ILE B 444 11.14 5.26 32.69
N ALA B 445 10.30 4.24 32.77
CA ALA B 445 10.82 2.89 32.91
C ALA B 445 11.40 2.36 31.60
N PHE B 446 11.15 3.05 30.50
CA PHE B 446 11.59 2.61 29.18
C PHE B 446 11.06 1.23 28.87
N GLU B 450 11.71 -1.12 33.29
CA GLU B 450 12.36 -1.42 34.56
C GLU B 450 11.38 -2.01 35.55
N ALA B 451 11.90 -2.69 36.57
CA ALA B 451 11.07 -3.27 37.62
C ALA B 451 11.07 -2.36 38.85
N THR B 452 10.49 -1.17 38.66
CA THR B 452 10.45 -0.15 39.70
C THR B 452 9.18 0.67 39.54
N ASP B 453 8.54 0.99 40.67
CA ASP B 453 7.28 1.71 40.64
C ASP B 453 7.35 3.09 41.27
N GLU B 454 7.73 3.16 42.55
CA GLU B 454 7.70 4.43 43.26
C GLU B 454 8.97 5.24 43.07
N GLU B 455 10.01 4.66 42.48
CA GLU B 455 11.23 5.41 42.22
C GLU B 455 11.00 6.49 41.19
N ILE B 456 9.94 6.35 40.38
CA ILE B 456 9.63 7.35 39.38
C ILE B 456 9.35 8.70 40.00
N VAL B 457 8.68 8.73 41.16
CA VAL B 457 8.41 10.01 41.82
C VAL B 457 9.71 10.69 42.20
N GLN B 458 10.62 9.96 42.84
CA GLN B 458 11.89 10.52 43.25
C GLN B 458 12.68 11.01 42.04
N ALA B 459 12.68 10.22 40.98
CA ALA B 459 13.44 10.62 39.78
C ALA B 459 12.84 11.86 39.15
N ALA B 460 11.52 11.89 38.97
CA ALA B 460 10.88 13.05 38.36
C ALA B 460 11.14 14.30 39.17
N LYS B 461 11.07 14.20 40.50
CA LYS B 461 11.44 15.34 41.34
C LYS B 461 12.89 15.72 41.10
N GLN B 462 13.77 14.72 41.04
CA GLN B 462 15.17 14.98 40.70
C GLN B 462 15.27 15.51 39.28
N ALA B 463 14.36 15.11 38.40
CA ALA B 463 14.34 15.60 37.03
C ALA B 463 13.59 16.91 36.90
N ASN B 464 13.04 17.44 37.99
CA ASN B 464 12.36 18.73 37.98
C ASN B 464 11.23 18.72 36.96
N ILE B 465 10.56 17.59 36.86
CA ILE B 465 9.51 17.39 35.86
C ILE B 465 8.27 16.83 36.52
N HIS B 466 8.41 16.33 37.76
CA HIS B 466 7.29 15.68 38.43
C HIS B 466 6.04 16.53 38.39
N GLU B 467 6.18 17.84 38.62
CA GLU B 467 5.05 18.73 38.51
C GLU B 467 4.35 18.58 37.16
N PHE B 468 5.13 18.39 36.09
CA PHE B 468 4.54 18.27 34.76
C PHE B 468 3.80 16.95 34.59
N ILE B 469 4.31 15.86 35.14
CA ILE B 469 3.59 14.59 35.08
C ILE B 469 2.27 14.72 35.83
N VAL B 470 2.30 15.25 37.04
CA VAL B 470 1.06 15.38 37.81
C VAL B 470 0.12 16.38 37.15
N ASN B 471 0.65 17.31 36.36
CA ASN B 471 -0.21 18.27 35.67
C ASN B 471 -1.16 17.57 34.71
N LEU B 472 -0.66 16.58 33.98
CA LEU B 472 -1.48 15.91 32.97
C LEU B 472 -2.50 15.00 33.64
N GLU B 473 -3.47 14.56 32.85
CA GLU B 473 -4.54 13.72 33.36
C GLU B 473 -3.98 12.35 33.75
N GLN B 474 -4.53 11.80 34.84
CA GLN B 474 -4.10 10.51 35.41
C GLN B 474 -2.59 10.44 35.61
N GLY B 475 -1.91 11.58 35.64
CA GLY B 475 -0.50 11.62 35.96
C GLY B 475 0.33 10.68 35.09
N TYR B 476 1.12 9.84 35.76
CA TYR B 476 2.07 8.98 35.06
C TYR B 476 1.39 8.08 34.05
N ASP B 477 0.10 7.80 34.23
CA ASP B 477 -0.62 6.90 33.33
C ASP B 477 -1.03 7.57 32.02
N THR B 478 -0.47 8.74 31.71
CA THR B 478 -0.82 9.43 30.47
C THR B 478 -0.18 8.74 29.27
N GLU B 479 -1.00 8.15 28.40
CA GLU B 479 -0.50 7.51 27.20
C GLU B 479 0.14 8.56 26.29
N ILE B 480 1.20 8.16 25.59
CA ILE B 480 1.96 9.10 24.77
C ILE B 480 2.56 8.39 23.57
N THR B 481 2.35 8.95 22.37
CA THR B 481 3.00 8.48 21.16
C THR B 481 2.52 9.29 19.96
N ASN B 485 4.60 14.30 19.47
CA ASN B 485 3.33 15.02 19.39
C ASN B 485 2.77 15.29 20.79
N LEU B 486 1.94 16.33 20.88
CA LEU B 486 1.19 16.65 22.10
C LEU B 486 2.10 16.72 23.32
N PHE B 487 3.39 16.94 23.13
CA PHE B 487 4.34 17.01 24.23
C PHE B 487 5.42 18.04 23.91
N SER B 488 5.79 18.83 24.91
CA SER B 488 6.71 19.94 24.70
C SER B 488 8.16 19.47 24.60
N THR B 489 9.02 20.37 24.15
CA THR B 489 10.35 19.96 23.69
C THR B 489 11.26 19.61 24.86
N GLY B 490 11.51 20.57 25.75
CA GLY B 490 12.46 20.33 26.82
C GLY B 490 12.09 19.14 27.68
N GLN B 491 10.80 18.88 27.85
CA GLN B 491 10.37 17.81 28.72
C GLN B 491 10.76 16.44 28.16
N LYS B 492 10.96 16.31 26.85
CA LYS B 492 11.48 15.06 26.34
C LYS B 492 12.86 14.77 26.92
N GLN B 493 13.76 15.76 26.83
CA GLN B 493 15.08 15.60 27.43
C GLN B 493 14.99 15.40 28.94
N LEU B 494 14.06 16.10 29.60
CA LEU B 494 13.89 15.90 31.03
C LEU B 494 13.53 14.46 31.34
N VAL B 495 12.61 13.89 30.55
CA VAL B 495 12.22 12.50 30.73
C VAL B 495 13.42 11.59 30.51
N SER B 496 14.23 11.91 29.50
CA SER B 496 15.43 11.11 29.26
C SER B 496 16.36 11.15 30.48
N ILE B 497 16.56 12.33 31.06
CA ILE B 497 17.42 12.44 32.23
C ILE B 497 16.85 11.63 33.38
N ALA B 498 15.53 11.70 33.57
CA ALA B 498 14.89 10.92 34.62
C ALA B 498 15.10 9.43 34.39
N ARG B 499 14.97 8.99 33.14
CA ARG B 499 15.24 7.61 32.78
C ARG B 499 16.66 7.22 33.20
N THR B 500 17.63 8.04 32.80
CA THR B 500 19.02 7.73 33.12
C THR B 500 19.23 7.64 34.62
N ILE B 501 18.67 8.58 35.38
CA ILE B 501 18.93 8.57 36.82
C ILE B 501 18.27 7.39 37.49
N ILE B 502 17.06 6.99 37.05
CA ILE B 502 16.49 5.79 37.62
C ILE B 502 17.39 4.60 37.30
N THR B 503 17.97 4.59 36.10
CA THR B 503 18.99 3.59 35.81
C THR B 503 20.14 3.72 36.81
N ASN B 504 20.39 4.94 37.28
CA ASN B 504 21.40 5.19 38.30
C ASN B 504 22.73 4.50 37.97
N PRO B 505 23.25 4.68 36.77
CA PRO B 505 24.53 4.06 36.43
C PRO B 505 25.70 4.78 37.07
N GLU B 506 26.82 4.05 37.14
CA GLU B 506 28.02 4.64 37.73
C GLU B 506 28.50 5.85 36.94
N LEU B 507 28.46 5.77 35.61
CA LEU B 507 28.98 6.81 34.74
C LEU B 507 27.88 7.36 33.87
N LEU B 508 27.91 8.67 33.62
CA LEU B 508 26.93 9.34 32.79
C LEU B 508 27.62 10.13 31.70
N ILE B 509 26.95 10.24 30.55
CA ILE B 509 27.42 11.04 29.43
C ILE B 509 26.24 11.83 28.89
N LEU B 510 26.42 13.14 28.73
CA LEU B 510 25.36 14.03 28.31
C LEU B 510 25.86 14.97 27.22
N ASP B 511 24.98 15.28 26.28
CA ASP B 511 25.27 16.21 25.20
C ASP B 511 24.71 17.58 25.53
N GLU B 512 24.61 18.45 24.53
CA GLU B 512 24.08 19.79 24.71
C GLU B 512 22.57 19.70 24.90
N ALA B 513 22.16 19.63 26.17
CA ALA B 513 20.75 19.42 26.48
C ALA B 513 19.90 20.67 26.23
N THR B 514 20.53 21.82 25.99
CA THR B 514 19.82 23.08 25.80
C THR B 514 19.63 23.42 24.34
N SER B 515 19.45 22.42 23.47
CA SER B 515 19.35 22.68 22.04
C SER B 515 18.22 23.67 21.74
N ASN B 516 17.01 23.39 22.24
CA ASN B 516 15.84 24.24 21.98
C ASN B 516 15.05 24.33 23.29
N VAL B 517 15.37 25.35 24.09
CA VAL B 517 14.74 25.57 25.38
C VAL B 517 14.94 27.02 25.77
N ASP B 518 14.06 27.51 26.64
CA ASP B 518 14.15 28.86 27.15
C ASP B 518 15.03 28.91 28.39
N THR B 519 15.38 30.13 28.82
CA THR B 519 16.32 30.29 29.92
C THR B 519 15.79 29.65 31.20
N VAL B 520 14.50 29.76 31.47
CA VAL B 520 13.94 29.14 32.67
C VAL B 520 13.98 27.62 32.55
N THR B 521 13.56 27.08 31.42
CA THR B 521 13.71 25.65 31.20
C THR B 521 15.17 25.25 31.18
N GLU B 522 16.05 26.12 30.69
CA GLU B 522 17.48 25.84 30.74
C GLU B 522 17.96 25.71 32.18
N ALA B 523 17.51 26.60 33.07
CA ALA B 523 17.91 26.51 34.47
C ALA B 523 17.35 25.27 35.12
N LYS B 524 16.11 24.90 34.80
CA LYS B 524 15.56 23.66 35.31
C LYS B 524 16.38 22.46 34.84
N ILE B 525 16.76 22.46 33.57
CA ILE B 525 17.63 21.42 33.05
C ILE B 525 18.96 21.41 33.80
N GLN B 526 19.44 22.60 34.15
CA GLN B 526 20.73 22.70 34.82
C GLN B 526 20.68 22.10 36.22
N LYS B 527 19.61 22.39 36.97
CA LYS B 527 19.49 21.78 38.28
C LYS B 527 19.28 20.26 38.14
N ALA B 528 18.60 19.84 37.08
CA ALA B 528 18.53 18.41 36.79
C ALA B 528 19.91 17.83 36.56
N MET B 529 20.75 18.52 35.80
CA MET B 529 22.15 18.10 35.62
C MET B 529 22.82 17.95 36.98
N ASP B 530 22.71 18.98 37.81
CA ASP B 530 23.30 18.94 39.14
C ASP B 530 22.89 17.68 39.88
N GLU B 531 21.59 17.37 39.86
CA GLU B 531 21.13 16.14 40.49
C GLU B 531 21.80 14.92 39.86
N ALA B 532 21.90 14.89 38.53
CA ALA B 532 22.51 13.75 37.86
C ALA B 532 23.97 13.60 38.24
N ILE B 533 24.71 14.72 38.28
CA ILE B 533 26.14 14.65 38.53
C ILE B 533 26.45 14.53 40.01
N LYS B 534 25.51 14.94 40.87
CA LYS B 534 25.80 15.03 42.29
C LYS B 534 26.27 13.69 42.87
N GLY B 535 25.73 12.58 42.36
CA GLY B 535 26.05 11.28 42.88
C GLY B 535 26.88 10.39 41.98
N ARG B 536 27.10 10.77 40.73
CA ARG B 536 27.76 9.90 39.76
C ARG B 536 28.85 10.66 39.03
N THR B 537 29.90 9.92 38.67
CA THR B 537 30.87 10.42 37.69
C THR B 537 30.18 10.57 36.33
N SER B 538 30.58 11.58 35.57
CA SER B 538 29.85 11.87 34.34
C SER B 538 30.71 12.67 33.37
N PHE B 539 30.58 12.34 32.09
CA PHE B 539 31.07 13.20 31.02
C PHE B 539 29.94 14.09 30.55
N VAL B 540 30.28 15.20 29.88
CA VAL B 540 29.30 16.11 29.32
C VAL B 540 29.90 16.80 28.10
N ILE B 541 29.10 16.88 27.03
CA ILE B 541 29.41 17.70 25.87
C ILE B 541 28.56 18.96 25.99
N ALA B 542 29.23 20.12 25.99
CA ALA B 542 28.54 21.39 26.16
C ALA B 542 29.03 22.38 25.10
N HIS B 543 28.08 23.02 24.43
CA HIS B 543 28.35 24.13 23.53
C HIS B 543 27.96 25.47 24.14
N ARG B 544 26.97 25.47 25.04
CA ARG B 544 26.62 26.65 25.82
C ARG B 544 27.43 26.59 27.12
N LEU B 545 28.56 27.31 27.12
CA LEU B 545 29.51 27.19 28.21
C LEU B 545 28.88 27.50 29.57
N LYS B 546 27.90 28.41 29.59
CA LYS B 546 27.27 28.76 30.86
C LYS B 546 26.72 27.54 31.57
N THR B 547 26.27 26.54 30.82
CA THR B 547 25.64 25.37 31.42
C THR B 547 26.53 24.68 32.45
N ILE B 548 27.79 24.42 32.10
CA ILE B 548 28.67 23.62 32.95
C ILE B 548 29.90 24.44 33.32
N LEU B 549 29.71 25.74 33.50
CA LEU B 549 30.84 26.61 33.84
C LEU B 549 31.55 26.14 35.11
N ASN B 550 30.84 25.44 35.99
CA ASN B 550 31.40 24.95 37.24
C ASN B 550 32.02 23.56 37.11
N ALA B 551 32.52 23.20 35.92
CA ALA B 551 33.07 21.88 35.73
C ALA B 551 34.30 21.67 36.60
N ASP B 552 34.42 20.45 37.14
CA ASP B 552 35.62 20.10 37.90
C ASP B 552 36.86 20.16 37.04
N ARG B 553 36.80 19.59 35.84
CA ARG B 553 37.88 19.70 34.87
C ARG B 553 37.23 19.91 33.50
N ILE B 554 37.97 20.57 32.61
CA ILE B 554 37.45 20.94 31.31
C ILE B 554 38.42 20.44 30.24
N ILE B 555 37.87 19.96 29.14
CA ILE B 555 38.63 19.51 28.00
C ILE B 555 38.08 20.20 26.76
N VAL B 556 38.97 20.63 25.87
CA VAL B 556 38.60 21.26 24.62
C VAL B 556 39.31 20.54 23.49
N LEU B 557 38.63 20.38 22.37
CA LEU B 557 39.09 19.56 21.27
C LEU B 557 39.26 20.38 19.99
N ARG B 558 40.37 20.14 19.30
CA ARG B 558 40.52 20.48 17.89
C ARG B 558 39.76 19.39 17.15
N ASP B 559 40.00 19.19 15.86
CA ASP B 559 39.22 18.23 15.10
C ASP B 559 39.55 16.82 15.59
N GLY B 560 39.11 16.56 16.83
CA GLY B 560 39.39 15.30 17.49
C GLY B 560 40.76 15.21 18.09
N GLU B 561 41.39 16.35 18.40
CA GLU B 561 42.68 16.39 19.07
C GLU B 561 42.60 17.35 20.26
N VAL B 562 43.04 16.88 21.43
CA VAL B 562 43.03 17.70 22.62
C VAL B 562 44.09 18.78 22.47
N ILE B 563 43.71 20.03 22.73
CA ILE B 563 44.64 21.15 22.62
C ILE B 563 44.82 21.88 23.94
N GLU B 564 43.84 21.86 24.83
CA GLU B 564 43.95 22.52 26.13
C GLU B 564 43.08 21.78 27.13
N GLU B 565 43.39 21.99 28.42
CA GLU B 565 42.69 21.27 29.49
C GLU B 565 42.94 22.02 30.79
N GLY B 566 42.00 21.88 31.71
CA GLY B 566 42.14 22.45 33.03
C GLY B 566 40.83 23.08 33.49
N ASN B 567 40.93 23.82 34.59
CA ASN B 567 39.78 24.49 35.15
C ASN B 567 39.41 25.72 34.32
N HIS B 568 38.16 26.17 34.47
CA HIS B 568 37.72 27.37 33.77
C HIS B 568 38.62 28.56 34.11
N HIS B 569 38.86 28.78 35.39
CA HIS B 569 39.74 29.88 35.78
C HIS B 569 41.15 29.67 35.23
N GLU B 570 41.64 28.43 35.29
CA GLU B 570 42.94 28.13 34.72
C GLU B 570 42.95 28.36 33.21
N LEU B 571 41.88 27.95 32.53
CA LEU B 571 41.81 28.04 31.08
C LEU B 571 41.52 29.45 30.58
N VAL B 572 41.06 30.35 31.43
CA VAL B 572 40.89 31.75 31.06
C VAL B 572 42.10 32.60 31.42
N GLU B 573 42.71 32.38 32.59
CA GLU B 573 44.00 33.01 32.85
C GLU B 573 45.06 32.47 31.90
N GLN B 574 44.85 31.28 31.36
CA GLN B 574 45.67 30.76 30.29
C GLN B 574 45.02 31.05 28.95
N ASP B 575 45.63 31.94 28.17
CA ASP B 575 45.07 32.31 26.88
C ASP B 575 44.89 31.07 26.02
N GLY B 576 43.74 30.97 25.36
CA GLY B 576 43.46 29.81 24.54
C GLY B 576 42.11 29.92 23.88
N PHE B 577 41.81 28.90 23.06
CA PHE B 577 40.54 28.84 22.38
C PHE B 577 39.38 28.84 23.35
N TYR B 578 39.57 28.26 24.54
CA TYR B 578 38.50 28.23 25.54
C TYR B 578 38.10 29.64 25.96
N ALA B 579 39.10 30.50 26.22
CA ALA B 579 38.79 31.88 26.58
C ALA B 579 38.07 32.59 25.45
N GLU B 580 38.49 32.35 24.21
CA GLU B 580 37.83 32.97 23.07
C GLU B 580 36.37 32.55 23.00
N LEU B 581 36.10 31.26 23.20
CA LEU B 581 34.72 30.78 23.19
C LEU B 581 33.93 31.43 24.32
N TYR B 582 34.51 31.50 25.51
CA TYR B 582 33.83 32.13 26.63
C TYR B 582 33.53 33.60 26.33
N LYS B 583 34.38 34.26 25.55
CA LYS B 583 34.24 35.69 25.31
C LYS B 583 32.92 36.03 24.64
N ASN B 584 32.12 35.02 24.30
CA ASN B 584 30.75 35.28 23.90
C ASN B 584 29.98 36.01 25.00
N GLN B 585 30.41 35.85 26.24
CA GLN B 585 29.88 36.64 27.34
C GLN B 585 30.90 37.70 27.75
N GLN C 6 -38.03 -45.15 -33.76
CA GLN C 6 -38.25 -46.05 -34.92
C GLN C 6 -38.86 -45.29 -36.09
N LEU C 7 -38.80 -45.89 -37.28
CA LEU C 7 -39.24 -45.24 -38.51
C LEU C 7 -40.24 -46.14 -39.22
N VAL C 8 -40.83 -45.59 -40.29
CA VAL C 8 -41.72 -46.34 -41.17
C VAL C 8 -41.70 -45.68 -42.54
N GLU C 9 -41.52 -46.48 -43.58
CA GLU C 9 -41.43 -45.99 -44.95
C GLU C 9 -42.40 -46.75 -45.84
N SER C 10 -42.99 -46.04 -46.80
CA SER C 10 -43.89 -46.63 -47.78
C SER C 10 -43.69 -45.95 -49.12
N GLY C 11 -43.97 -46.68 -50.19
CA GLY C 11 -43.91 -46.11 -51.52
C GLY C 11 -43.25 -47.01 -52.55
N GLY C 12 -42.30 -47.84 -52.12
CA GLY C 12 -41.54 -48.65 -53.06
C GLY C 12 -42.39 -49.69 -53.75
N GLY C 13 -41.92 -50.11 -54.93
CA GLY C 13 -42.61 -51.13 -55.68
C GLY C 13 -42.07 -51.21 -57.10
N LEU C 14 -42.79 -51.94 -57.95
CA LEU C 14 -42.44 -52.06 -59.35
C LEU C 14 -42.55 -50.72 -60.06
N VAL C 15 -41.56 -50.42 -60.90
CA VAL C 15 -41.53 -49.20 -61.70
C VAL C 15 -40.73 -49.48 -62.97
N GLN C 16 -40.79 -48.54 -63.91
CA GLN C 16 -40.09 -48.62 -65.18
C GLN C 16 -39.06 -47.52 -65.26
N ALA C 17 -38.08 -47.70 -66.15
CA ALA C 17 -37.01 -46.72 -66.34
C ALA C 17 -37.57 -45.46 -66.98
N GLY C 18 -37.79 -44.42 -66.17
CA GLY C 18 -38.39 -43.18 -66.63
C GLY C 18 -39.61 -42.80 -65.82
N ASP C 19 -39.96 -43.64 -64.84
CA ASP C 19 -41.15 -43.39 -64.03
C ASP C 19 -40.81 -42.43 -62.89
N THR C 20 -41.85 -42.09 -62.12
CA THR C 20 -41.73 -41.17 -61.00
C THR C 20 -42.38 -41.81 -59.78
N LEU C 21 -41.72 -41.71 -58.63
CA LEU C 21 -42.23 -42.30 -57.40
C LEU C 21 -41.79 -41.44 -56.23
N ARG C 22 -42.75 -41.07 -55.38
CA ARG C 22 -42.46 -40.24 -54.21
C ARG C 22 -42.40 -41.14 -52.98
N LEU C 23 -41.22 -41.22 -52.38
CA LEU C 23 -41.07 -41.97 -51.14
C LEU C 23 -41.63 -41.16 -49.98
N SER C 24 -42.04 -41.85 -48.92
CA SER C 24 -42.68 -41.20 -47.79
C SER C 24 -42.36 -42.00 -46.52
N CYS C 25 -41.68 -41.38 -45.57
CA CYS C 25 -41.32 -42.01 -44.32
C CYS C 25 -41.70 -41.10 -43.15
N GLU C 26 -42.01 -41.72 -42.03
CA GLU C 26 -42.43 -41.00 -40.83
C GLU C 26 -41.62 -41.47 -39.63
N ALA C 27 -41.39 -40.56 -38.70
CA ALA C 27 -40.61 -40.82 -37.50
C ALA C 27 -41.53 -41.01 -36.30
N SER C 28 -41.09 -41.89 -35.39
CA SER C 28 -41.84 -42.16 -34.16
C SER C 28 -41.63 -41.00 -33.20
N ARG C 29 -42.29 -39.88 -33.49
CA ARG C 29 -42.25 -38.69 -32.64
C ARG C 29 -40.85 -38.10 -32.56
N SER C 30 -39.92 -38.63 -33.35
CA SER C 30 -38.54 -38.16 -33.28
C SER C 30 -38.31 -37.01 -34.25
N PHE C 31 -37.54 -36.02 -33.81
CA PHE C 31 -37.16 -34.89 -34.62
C PHE C 31 -35.66 -34.98 -34.90
N ASN C 32 -35.29 -34.99 -36.18
CA ASN C 32 -33.93 -35.27 -36.57
C ASN C 32 -33.64 -34.60 -37.90
N ARG C 33 -32.36 -34.54 -38.25
CA ARG C 33 -31.96 -34.37 -39.63
C ARG C 33 -32.16 -35.70 -40.34
N MET C 34 -32.87 -35.68 -41.46
CA MET C 34 -33.24 -36.91 -42.15
C MET C 34 -32.48 -37.04 -43.46
N GLY C 35 -32.46 -38.26 -43.97
CA GLY C 35 -31.85 -38.55 -45.25
C GLY C 35 -32.24 -39.95 -45.69
N TRP C 36 -32.09 -40.19 -46.99
CA TRP C 36 -32.42 -41.46 -47.59
C TRP C 36 -31.14 -42.21 -47.95
N TYR C 37 -31.15 -43.52 -47.73
CA TYR C 37 -30.05 -44.39 -48.12
C TYR C 37 -30.60 -45.52 -48.97
N ARG C 38 -29.70 -46.27 -49.57
CA ARG C 38 -30.09 -47.41 -50.40
C ARG C 38 -29.02 -48.49 -50.30
N GLN C 39 -29.41 -49.70 -50.71
CA GLN C 39 -28.52 -50.84 -50.79
C GLN C 39 -28.83 -51.61 -52.07
N ALA C 40 -27.89 -51.62 -53.01
CA ALA C 40 -28.04 -52.49 -54.16
C ALA C 40 -27.79 -53.94 -53.72
N PRO C 41 -28.47 -54.90 -54.35
CA PRO C 41 -28.28 -56.30 -53.96
C PRO C 41 -26.81 -56.69 -53.94
N GLY C 42 -26.34 -57.12 -52.77
CA GLY C 42 -24.95 -57.47 -52.59
C GLY C 42 -24.03 -56.31 -52.30
N LYS C 43 -24.55 -55.10 -52.22
CA LYS C 43 -23.75 -53.91 -51.97
C LYS C 43 -23.96 -53.41 -50.55
N GLN C 44 -23.09 -52.51 -50.11
CA GLN C 44 -23.18 -51.94 -48.78
C GLN C 44 -24.23 -50.84 -48.74
N ARG C 45 -24.70 -50.52 -47.54
CA ARG C 45 -25.55 -49.36 -47.35
C ARG C 45 -24.77 -48.10 -47.73
N ASP C 46 -25.40 -47.24 -48.53
CA ASP C 46 -24.70 -46.07 -49.04
C ASP C 46 -25.64 -44.87 -49.06
N MET C 47 -25.04 -43.69 -49.02
CA MET C 47 -25.82 -42.46 -48.97
C MET C 47 -26.51 -42.20 -50.31
N VAL C 48 -27.67 -41.54 -50.24
CA VAL C 48 -28.41 -41.16 -51.44
C VAL C 48 -28.64 -39.66 -51.40
N ALA C 49 -29.19 -39.17 -50.28
CA ALA C 49 -29.41 -37.74 -50.11
C ALA C 49 -29.61 -37.44 -48.63
N HIS C 50 -29.50 -36.16 -48.29
CA HIS C 50 -29.73 -35.69 -46.93
C HIS C 50 -30.51 -34.38 -46.97
N ILE C 51 -31.47 -34.24 -46.06
CA ILE C 51 -32.25 -33.02 -45.90
C ILE C 51 -32.00 -32.50 -44.50
N PHE C 52 -31.52 -31.26 -44.41
CA PHE C 52 -31.28 -30.66 -43.11
C PHE C 52 -32.61 -30.35 -42.42
N SER C 53 -32.54 -30.24 -41.09
CA SER C 53 -33.74 -29.87 -40.34
C SER C 53 -34.28 -28.53 -40.80
N ASP C 54 -33.41 -27.58 -41.13
CA ASP C 54 -33.85 -26.28 -41.60
C ASP C 54 -34.62 -26.36 -42.91
N GLY C 55 -34.16 -27.16 -43.87
CA GLY C 55 -34.82 -27.29 -45.15
C GLY C 55 -33.91 -27.45 -46.34
N ARG C 56 -32.63 -27.08 -46.22
CA ARG C 56 -31.69 -27.24 -47.32
C ARG C 56 -31.14 -28.67 -47.32
N THR C 57 -30.61 -29.10 -48.46
CA THR C 57 -30.29 -30.50 -48.66
C THR C 57 -29.00 -30.65 -49.44
N ARG C 58 -28.70 -31.91 -49.76
CA ARG C 58 -27.56 -32.28 -50.59
C ARG C 58 -27.79 -33.68 -51.13
N TYR C 59 -27.50 -33.87 -52.42
CA TYR C 59 -27.79 -35.12 -53.10
C TYR C 59 -26.50 -35.77 -53.58
N ALA C 60 -26.59 -37.07 -53.87
CA ALA C 60 -25.46 -37.78 -54.45
C ALA C 60 -25.38 -37.53 -55.94
N ASP C 61 -24.16 -37.48 -56.47
CA ASP C 61 -23.96 -37.15 -57.87
C ASP C 61 -24.82 -38.01 -58.78
N SER C 62 -24.91 -39.30 -58.49
CA SER C 62 -25.69 -40.20 -59.33
C SER C 62 -27.13 -39.74 -59.48
N VAL C 63 -27.70 -39.11 -58.45
CA VAL C 63 -29.08 -38.63 -58.47
C VAL C 63 -29.17 -37.12 -58.54
N GLN C 64 -28.04 -36.42 -58.61
CA GLN C 64 -28.08 -34.96 -58.66
C GLN C 64 -28.83 -34.50 -59.90
N GLY C 65 -29.75 -33.57 -59.69
CA GLY C 65 -30.52 -33.01 -60.79
C GLY C 65 -31.79 -33.75 -61.14
N ARG C 66 -31.99 -34.96 -60.60
CA ARG C 66 -33.18 -35.74 -60.90
C ARG C 66 -34.03 -35.96 -59.66
N PHE C 67 -33.44 -36.54 -58.61
CA PHE C 67 -34.20 -36.84 -57.41
C PHE C 67 -34.30 -35.62 -56.51
N THR C 68 -35.46 -35.46 -55.88
CA THR C 68 -35.74 -34.33 -55.01
C THR C 68 -36.21 -34.84 -53.66
N ILE C 69 -35.75 -34.19 -52.60
CA ILE C 69 -36.12 -34.57 -51.24
C ILE C 69 -36.95 -33.46 -50.62
N SER C 70 -37.78 -33.81 -49.66
CA SER C 70 -38.61 -32.83 -48.97
C SER C 70 -38.99 -33.39 -47.61
N ARG C 71 -39.43 -32.49 -46.73
CA ARG C 71 -39.81 -32.85 -45.37
C ARG C 71 -40.85 -31.86 -44.87
N ASP C 72 -41.57 -32.26 -43.83
CA ASP C 72 -42.52 -31.40 -43.15
C ASP C 72 -42.18 -31.40 -41.66
N ASN C 73 -41.58 -30.31 -41.19
CA ASN C 73 -41.19 -30.22 -39.79
C ASN C 73 -42.37 -30.31 -38.84
N ALA C 74 -43.59 -29.98 -39.31
CA ALA C 74 -44.75 -30.06 -38.44
C ALA C 74 -44.92 -31.44 -37.82
N LYS C 75 -44.51 -32.49 -38.53
CA LYS C 75 -44.55 -33.83 -37.97
C LYS C 75 -43.27 -34.61 -38.19
N ASN C 76 -42.21 -33.97 -38.71
CA ASN C 76 -40.94 -34.64 -38.95
C ASN C 76 -41.07 -35.76 -39.97
N THR C 77 -42.03 -35.63 -40.90
CA THR C 77 -42.13 -36.58 -42.00
C THR C 77 -41.23 -36.14 -43.15
N VAL C 78 -40.77 -37.13 -43.92
CA VAL C 78 -39.82 -36.90 -45.00
C VAL C 78 -40.35 -37.53 -46.27
N TYR C 79 -39.97 -36.96 -47.41
CA TYR C 79 -40.35 -37.49 -48.70
C TYR C 79 -39.16 -37.40 -49.64
N LEU C 80 -39.21 -38.20 -50.71
CA LEU C 80 -38.17 -38.19 -51.74
C LEU C 80 -38.82 -38.59 -53.05
N GLN C 81 -38.72 -37.73 -54.05
CA GLN C 81 -39.43 -37.93 -55.31
C GLN C 81 -38.49 -38.61 -56.31
N MET C 82 -38.68 -39.91 -56.50
CA MET C 82 -38.04 -40.61 -57.61
C MET C 82 -38.62 -40.10 -58.92
N ASN C 83 -37.77 -40.02 -59.95
CA ASN C 83 -38.20 -39.54 -61.25
C ASN C 83 -37.12 -39.85 -62.27
N ASN C 84 -37.55 -40.05 -63.51
CA ASN C 84 -36.63 -40.35 -64.60
C ASN C 84 -35.74 -41.54 -64.24
N LEU C 85 -36.39 -42.67 -63.95
CA LEU C 85 -35.69 -43.83 -63.44
C LEU C 85 -34.86 -44.50 -64.53
N LYS C 86 -33.79 -45.16 -64.09
CA LYS C 86 -32.95 -45.97 -64.95
C LYS C 86 -32.65 -47.27 -64.23
N PRO C 87 -32.27 -48.33 -64.94
CA PRO C 87 -32.17 -49.65 -64.30
C PRO C 87 -31.27 -49.68 -63.08
N GLU C 88 -30.14 -48.97 -63.11
CA GLU C 88 -29.21 -49.02 -61.99
C GLU C 88 -29.79 -48.41 -60.73
N ASP C 89 -30.85 -47.61 -60.84
CA ASP C 89 -31.52 -47.09 -59.64
C ASP C 89 -32.14 -48.20 -58.81
N THR C 90 -32.42 -49.35 -59.41
CA THR C 90 -33.04 -50.45 -58.69
C THR C 90 -32.24 -50.80 -57.45
N ALA C 91 -32.88 -50.71 -56.29
CA ALA C 91 -32.24 -51.03 -55.01
C ALA C 91 -33.29 -50.89 -53.92
N VAL C 92 -32.92 -51.31 -52.71
CA VAL C 92 -33.75 -51.13 -51.54
C VAL C 92 -33.33 -49.86 -50.84
N TYR C 93 -34.30 -49.01 -50.51
CA TYR C 93 -34.03 -47.68 -49.98
C TYR C 93 -34.60 -47.56 -48.57
N TYR C 94 -33.96 -46.72 -47.77
CA TYR C 94 -34.32 -46.55 -46.38
C TYR C 94 -34.35 -45.08 -46.03
N CYS C 95 -35.19 -44.72 -45.07
CA CYS C 95 -35.19 -43.38 -44.50
C CYS C 95 -34.36 -43.36 -43.23
N ASN C 96 -33.51 -42.34 -43.10
CA ASN C 96 -32.59 -42.27 -41.98
C ASN C 96 -32.73 -40.92 -41.28
N GLY C 97 -32.77 -40.99 -39.95
CA GLY C 97 -32.72 -39.81 -39.10
C GLY C 97 -32.23 -40.23 -37.73
N PHE C 98 -31.17 -39.60 -37.23
CA PHE C 98 -30.45 -40.14 -36.09
C PHE C 98 -29.82 -39.01 -35.29
N PHE C 99 -29.33 -39.37 -34.11
CA PHE C 99 -28.50 -38.49 -33.31
C PHE C 99 -27.08 -39.01 -33.24
N ILE C 100 -26.91 -40.24 -32.77
CA ILE C 100 -25.58 -40.85 -32.73
C ILE C 100 -25.62 -42.15 -33.52
N GLN C 101 -26.40 -43.11 -33.04
CA GLN C 101 -26.51 -44.37 -33.75
C GLN C 101 -27.55 -44.23 -34.85
N ASP C 102 -27.20 -44.64 -36.05
CA ASP C 102 -28.03 -44.35 -37.22
C ASP C 102 -29.35 -45.10 -37.16
N PHE C 103 -30.41 -44.41 -36.72
CA PHE C 103 -31.75 -44.97 -36.84
C PHE C 103 -32.19 -44.97 -38.29
N TRP C 104 -32.55 -46.15 -38.79
CA TRP C 104 -33.13 -46.28 -40.12
C TRP C 104 -34.31 -47.22 -40.05
N GLY C 105 -35.25 -47.02 -40.98
CA GLY C 105 -36.42 -47.86 -41.05
C GLY C 105 -36.17 -49.13 -41.84
N GLN C 106 -37.20 -49.96 -41.91
CA GLN C 106 -37.11 -51.20 -42.67
C GLN C 106 -36.75 -50.94 -44.12
N GLY C 107 -37.20 -49.82 -44.68
CA GLY C 107 -36.95 -49.51 -46.06
C GLY C 107 -37.87 -50.30 -46.98
N THR C 108 -37.85 -49.91 -48.26
CA THR C 108 -38.68 -50.53 -49.27
C THR C 108 -37.88 -50.68 -50.54
N PRO C 109 -38.17 -51.70 -51.35
CA PRO C 109 -37.45 -51.86 -52.62
C PRO C 109 -38.17 -51.20 -53.78
N VAL C 110 -37.38 -50.80 -54.77
CA VAL C 110 -37.89 -50.27 -56.02
C VAL C 110 -37.18 -50.98 -57.17
N THR C 111 -37.95 -51.53 -58.09
CA THR C 111 -37.43 -52.28 -59.23
C THR C 111 -37.71 -51.48 -60.50
N VAL C 112 -36.65 -51.06 -61.18
CA VAL C 112 -36.76 -50.23 -62.38
C VAL C 112 -36.77 -51.19 -63.57
N SER C 113 -37.95 -51.38 -64.14
CA SER C 113 -38.12 -52.23 -65.31
C SER C 113 -37.80 -51.44 -66.58
#